data_5ZE6
#
_entry.id   5ZE6
#
_cell.length_a   94.032
_cell.length_b   111.999
_cell.length_c   133.822
_cell.angle_alpha   90.00
_cell.angle_beta   90.00
_cell.angle_gamma   90.00
#
_symmetry.space_group_name_H-M   'P 21 21 21'
#
loop_
_entity.id
_entity.type
_entity.pdbx_description
1 polymer 'Octaprenyl diphosphate synthase'
2 non-polymer '2-hydroxy-6-(tetradecyloxy)benzoic acid'
3 non-polymer 'MAGNESIUM ION'
4 water water
#
_entity_poly.entity_id   1
_entity_poly.type   'polypeptide(L)'
_entity_poly.pdbx_seq_one_letter_code
;MNLEKINELTAQDMAGVNAAILEQLNSDVQLINQLGYYIVSGGGKRIRPMIAVLAARAVGYEGNAHVTIAALIEFIHTAT
LLHDDVVDESDMRRGKATANAAFGNAASVLVGDFIYTRAFQMMTSLGSLKVLEVMSEAVNVIAEGEVLQLMNVNDPDITE
ENYMRVIYSKTARLFEAAAQCSGILAGCTPEEEKGLQDYGRYLGTAFQLIDDLLDYNADGEQLGKNVGDDLNEGKPTLPL
LHAMHHGTPEQAQMIRTAIEQGNGRHLLEPVLEAMNACGSLEWTRQRAEEEADKAIAALQVLPDTPWREALIGLAHIAVQ
RDR
;
_entity_poly.pdbx_strand_id   A,B,C,D
#
loop_
_chem_comp.id
_chem_comp.type
_chem_comp.name
_chem_comp.formula
HJX non-polymer '2-hydroxy-6-(tetradecyloxy)benzoic acid' 'C21 H34 O4'
MG non-polymer 'MAGNESIUM ION' 'Mg 2'
#
# COMPACT_ATOMS: atom_id res chain seq x y z
N MET A 1 4.75 31.24 7.61
CA MET A 1 5.07 30.00 6.84
C MET A 1 3.81 29.29 6.31
N ASN A 2 3.66 29.27 4.99
CA ASN A 2 2.53 28.62 4.30
C ASN A 2 2.70 27.09 4.22
N LEU A 3 1.64 26.41 3.78
CA LEU A 3 1.63 24.95 3.81
C LEU A 3 2.74 24.36 2.97
N GLU A 4 2.90 24.94 1.78
CA GLU A 4 3.85 24.45 0.79
C GLU A 4 5.26 24.42 1.37
N LYS A 5 5.58 25.44 2.16
CA LYS A 5 6.92 25.62 2.70
C LYS A 5 7.13 24.73 3.93
N ILE A 6 6.06 24.56 4.70
CA ILE A 6 6.03 23.57 5.78
C ILE A 6 6.21 22.15 5.25
N ASN A 7 5.53 21.83 4.16
CA ASN A 7 5.68 20.53 3.53
C ASN A 7 7.12 20.34 3.06
N GLU A 8 7.71 21.38 2.50
CA GLU A 8 9.06 21.27 1.99
C GLU A 8 10.08 20.96 3.11
N LEU A 9 9.91 21.62 4.24
CA LEU A 9 10.83 21.44 5.36
C LEU A 9 10.72 20.06 6.02
N THR A 10 9.53 19.50 5.91
CA THR A 10 9.15 18.34 6.65
C THR A 10 9.19 17.09 5.75
N ALA A 11 9.39 17.29 4.45
CA ALA A 11 9.25 16.23 3.44
C ALA A 11 10.01 14.92 3.67
N GLN A 12 11.24 15.00 4.18
CA GLN A 12 12.06 13.82 4.30
C GLN A 12 11.76 13.05 5.56
N ASP A 13 11.37 13.76 6.60
CA ASP A 13 10.89 13.11 7.80
C ASP A 13 9.56 12.43 7.52
N MET A 14 8.68 13.13 6.82
CA MET A 14 7.36 12.61 6.54
C MET A 14 7.37 11.41 5.62
N ALA A 15 8.46 11.28 4.87
CA ALA A 15 8.64 10.17 3.95
C ALA A 15 9.27 8.95 4.66
N GLY A 16 10.14 9.21 5.63
CA GLY A 16 10.54 8.22 6.60
C GLY A 16 9.34 7.69 7.40
N VAL A 17 8.36 8.55 7.67
CA VAL A 17 7.17 8.19 8.42
C VAL A 17 6.30 7.34 7.52
N ASN A 18 6.21 7.70 6.25
CA ASN A 18 5.39 6.93 5.31
C ASN A 18 5.95 5.54 5.18
N ALA A 19 7.28 5.46 5.04
CA ALA A 19 7.93 4.16 5.00
C ALA A 19 7.65 3.34 6.26
N ALA A 20 7.78 3.95 7.43
CA ALA A 20 7.69 3.24 8.70
C ALA A 20 6.26 2.78 8.94
N ILE A 21 5.28 3.53 8.45
CA ILE A 21 3.90 3.04 8.48
C ILE A 21 3.74 1.80 7.61
N LEU A 22 4.20 1.86 6.36
CA LEU A 22 3.97 0.75 5.43
C LEU A 22 4.74 -0.49 5.81
N GLU A 23 5.90 -0.29 6.43
CA GLU A 23 6.67 -1.40 6.99
C GLU A 23 5.86 -2.23 7.99
N GLN A 24 5.05 -1.59 8.84
CA GLN A 24 4.41 -2.29 9.93
C GLN A 24 3.16 -3.03 9.51
N LEU A 25 2.71 -2.84 8.28
CA LEU A 25 1.65 -3.65 7.71
C LEU A 25 2.20 -4.96 7.15
N ASN A 26 2.65 -5.84 8.03
CA ASN A 26 3.45 -7.02 7.65
C ASN A 26 2.87 -8.31 8.25
N SER A 27 1.56 -8.35 8.45
CA SER A 27 0.93 -9.57 8.99
C SER A 27 0.88 -10.66 7.93
N ASP A 28 0.84 -11.92 8.38
CA ASP A 28 0.44 -13.08 7.56
C ASP A 28 -1.01 -12.95 7.08
N VAL A 29 -1.86 -12.34 7.92
CA VAL A 29 -3.27 -12.14 7.60
C VAL A 29 -3.39 -10.95 6.67
N GLN A 30 -3.67 -11.20 5.39
CA GLN A 30 -3.64 -10.14 4.36
C GLN A 30 -4.72 -9.11 4.61
N LEU A 31 -5.85 -9.55 5.15
CA LEU A 31 -6.95 -8.64 5.40
C LEU A 31 -6.54 -7.48 6.29
N ILE A 32 -5.60 -7.69 7.21
CA ILE A 32 -5.10 -6.61 8.05
C ILE A 32 -4.36 -5.63 7.18
N ASN A 33 -3.40 -6.14 6.41
CA ASN A 33 -2.57 -5.27 5.57
C ASN A 33 -3.38 -4.51 4.51
N GLN A 34 -4.39 -5.14 3.92
CA GLN A 34 -5.19 -4.44 2.91
C GLN A 34 -6.17 -3.43 3.48
N LEU A 35 -6.72 -3.70 4.64
CA LEU A 35 -7.65 -2.76 5.26
C LEU A 35 -6.84 -1.59 5.83
N GLY A 36 -5.71 -1.90 6.44
CA GLY A 36 -4.79 -0.87 6.87
C GLY A 36 -4.25 -0.03 5.73
N TYR A 37 -3.82 -0.65 4.63
CA TYR A 37 -3.38 0.14 3.49
C TYR A 37 -4.56 1.00 3.00
N TYR A 38 -5.75 0.41 3.00
CA TYR A 38 -6.91 1.12 2.50
C TYR A 38 -7.11 2.46 3.16
N ILE A 39 -6.93 2.51 4.46
CA ILE A 39 -7.20 3.72 5.19
C ILE A 39 -5.98 4.68 5.23
N VAL A 40 -4.76 4.14 5.31
CA VAL A 40 -3.55 4.98 5.46
C VAL A 40 -3.10 5.63 4.17
N SER A 41 -3.57 5.15 3.04
CA SER A 41 -3.16 5.71 1.76
C SER A 41 -4.23 6.63 1.15
N GLY A 42 -5.35 6.69 1.83
CA GLY A 42 -6.49 7.45 1.43
C GLY A 42 -6.48 8.96 1.42
N GLY A 43 -5.33 9.56 1.57
CA GLY A 43 -5.29 10.98 1.49
C GLY A 43 -5.19 11.77 2.74
N GLY A 44 -4.94 11.09 3.83
CA GLY A 44 -4.76 11.69 5.10
C GLY A 44 -3.82 12.90 5.16
N LYS A 45 -4.13 13.85 6.01
CA LYS A 45 -3.30 15.02 6.14
C LYS A 45 -2.03 14.74 6.92
N ARG A 46 -2.11 13.75 7.78
CA ARG A 46 -1.03 13.33 8.64
C ARG A 46 -0.46 14.48 9.41
N ILE A 47 -1.32 15.24 10.03
CA ILE A 47 -0.95 16.38 10.78
C ILE A 47 -0.46 16.01 12.15
N ARG A 48 -0.96 14.94 12.71
CA ARG A 48 -0.49 14.50 14.00
C ARG A 48 0.94 13.99 13.93
N PRO A 49 1.27 13.21 12.91
CA PRO A 49 2.67 12.84 12.75
C PRO A 49 3.52 14.04 12.35
N MET A 50 2.94 14.97 11.63
CA MET A 50 3.65 16.17 11.26
C MET A 50 4.06 16.98 12.50
N ILE A 51 3.13 17.15 13.44
CA ILE A 51 3.44 17.84 14.69
C ILE A 51 4.54 17.15 15.50
N ALA A 52 4.55 15.82 15.53
CA ALA A 52 5.54 15.08 16.30
C ALA A 52 6.91 15.26 15.70
N VAL A 53 6.93 15.14 14.39
CA VAL A 53 8.17 15.28 13.67
C VAL A 53 8.79 16.68 13.90
N LEU A 54 7.95 17.70 13.80
CA LEU A 54 8.39 19.10 13.97
C LEU A 54 8.90 19.37 15.37
N ALA A 55 8.11 18.96 16.36
CA ALA A 55 8.46 19.17 17.75
C ALA A 55 9.85 18.64 18.10
N ALA A 56 10.18 17.44 17.62
CA ALA A 56 11.47 16.85 17.93
C ALA A 56 12.56 17.68 17.30
N ARG A 57 12.35 18.07 16.05
CA ARG A 57 13.29 18.95 15.39
C ARG A 57 13.35 20.32 16.07
N ALA A 58 12.23 20.83 16.58
CA ALA A 58 12.25 22.14 17.24
C ALA A 58 13.07 22.20 18.53
N VAL A 59 13.36 21.05 19.12
CA VAL A 59 14.17 21.01 20.34
C VAL A 59 15.52 20.33 20.07
N GLY A 60 15.95 20.33 18.81
CA GLY A 60 17.29 19.91 18.45
C GLY A 60 17.54 18.43 18.27
N TYR A 61 16.50 17.61 18.20
CA TYR A 61 16.70 16.18 18.11
C TYR A 61 17.36 15.87 16.77
N GLU A 62 18.42 15.05 16.80
CA GLU A 62 19.22 14.79 15.59
C GLU A 62 19.01 13.38 15.04
N GLY A 63 18.56 12.44 15.89
CA GLY A 63 18.25 11.06 15.46
C GLY A 63 17.00 10.86 14.62
N ASN A 64 16.45 9.63 14.62
CA ASN A 64 15.17 9.38 13.92
C ASN A 64 14.21 8.43 14.65
N ALA A 65 14.23 8.49 15.99
CA ALA A 65 13.17 7.90 16.79
C ALA A 65 11.84 8.65 16.64
N HIS A 66 11.93 9.90 16.19
CA HIS A 66 10.77 10.74 16.06
C HIS A 66 9.92 10.36 14.86
N VAL A 67 10.54 9.72 13.87
CA VAL A 67 9.82 9.24 12.71
C VAL A 67 8.96 8.09 13.20
N THR A 68 9.55 7.26 14.05
CA THR A 68 8.87 6.11 14.65
C THR A 68 7.65 6.49 15.47
N ILE A 69 7.79 7.46 16.35
CA ILE A 69 6.64 7.88 17.14
C ILE A 69 5.59 8.56 16.29
N ALA A 70 6.02 9.28 15.24
CA ALA A 70 5.04 9.92 14.36
C ALA A 70 4.21 8.86 13.63
N ALA A 71 4.87 7.78 13.26
CA ALA A 71 4.18 6.76 12.50
C ALA A 71 3.17 6.11 13.41
N LEU A 72 3.58 5.78 14.63
CA LEU A 72 2.70 5.06 15.52
C LEU A 72 1.57 5.95 15.97
N ILE A 73 1.81 7.25 16.00
CA ILE A 73 0.73 8.19 16.28
C ILE A 73 -0.35 8.14 15.19
N GLU A 74 0.08 8.11 13.94
CA GLU A 74 -0.84 7.99 12.81
C GLU A 74 -1.54 6.64 12.83
N PHE A 75 -0.89 5.62 13.39
CA PHE A 75 -1.56 4.35 13.63
C PHE A 75 -2.66 4.43 14.70
N ILE A 76 -2.40 5.15 15.78
CA ILE A 76 -3.39 5.29 16.85
C ILE A 76 -4.58 6.01 16.30
N HIS A 77 -4.32 7.17 15.73
CA HIS A 77 -5.38 7.91 15.05
C HIS A 77 -6.20 7.09 14.04
N THR A 78 -5.53 6.27 13.24
CA THR A 78 -6.16 5.37 12.29
C THR A 78 -7.13 4.40 12.98
N ALA A 79 -6.66 3.84 14.08
CA ALA A 79 -7.49 2.92 14.86
C ALA A 79 -8.71 3.62 15.42
N THR A 80 -8.54 4.85 15.89
CA THR A 80 -9.68 5.63 16.41
C THR A 80 -10.65 5.98 15.29
N LEU A 81 -10.18 6.17 14.05
CA LEU A 81 -11.10 6.37 12.91
C LEU A 81 -11.94 5.17 12.63
N LEU A 82 -11.26 4.04 12.53
CA LEU A 82 -11.89 2.78 12.20
C LEU A 82 -12.98 2.50 13.20
N HIS A 83 -12.73 2.78 14.48
CA HIS A 83 -13.76 2.62 15.50
C HIS A 83 -14.84 3.69 15.44
N ASP A 84 -14.46 4.96 15.26
CA ASP A 84 -15.44 6.04 15.10
C ASP A 84 -16.42 5.75 13.97
N ASP A 85 -15.92 5.28 12.83
CA ASP A 85 -16.79 4.98 11.68
C ASP A 85 -17.77 3.87 11.98
N VAL A 86 -17.36 2.84 12.70
CA VAL A 86 -18.28 1.77 13.10
C VAL A 86 -19.33 2.25 14.12
N VAL A 87 -18.89 3.02 15.11
CA VAL A 87 -19.74 3.61 16.16
C VAL A 87 -20.75 4.61 15.57
N ASP A 88 -20.27 5.52 14.73
CA ASP A 88 -21.08 6.52 14.11
C ASP A 88 -21.81 6.03 12.89
N GLU A 89 -21.63 4.77 12.53
CA GLU A 89 -22.33 4.14 11.39
C GLU A 89 -22.15 4.90 10.07
N SER A 90 -20.96 5.44 9.82
CA SER A 90 -20.69 6.21 8.61
C SER A 90 -20.40 5.28 7.43
N ASP A 91 -20.84 5.70 6.25
CA ASP A 91 -20.62 4.99 4.99
C ASP A 91 -19.57 5.67 4.10
N MET A 92 -19.31 6.96 4.33
CA MET A 92 -18.34 7.70 3.54
C MET A 92 -17.43 8.52 4.45
N ARG A 93 -16.17 8.66 4.04
CA ARG A 93 -15.21 9.58 4.66
C ARG A 93 -14.24 10.07 3.60
N ARG A 94 -14.06 11.38 3.53
CA ARG A 94 -13.08 12.01 2.61
C ARG A 94 -13.44 11.62 1.17
N GLY A 95 -14.68 11.96 0.80
CA GLY A 95 -15.19 11.65 -0.52
C GLY A 95 -15.58 10.20 -0.72
N LYS A 96 -14.77 9.26 -0.24
CA LYS A 96 -14.99 7.84 -0.55
C LYS A 96 -15.42 6.93 0.63
N ALA A 97 -15.72 5.67 0.30
CA ALA A 97 -16.23 4.68 1.25
C ALA A 97 -15.36 4.48 2.49
N THR A 98 -16.01 4.05 3.58
CA THR A 98 -15.30 3.80 4.80
C THR A 98 -14.84 2.36 4.86
N ALA A 99 -13.96 2.10 5.80
CA ALA A 99 -13.49 0.75 6.08
C ALA A 99 -14.64 -0.22 6.40
N ASN A 100 -15.58 0.21 7.24
CA ASN A 100 -16.77 -0.60 7.50
C ASN A 100 -17.76 -0.73 6.31
N ALA A 101 -17.91 0.31 5.48
CA ALA A 101 -18.72 0.19 4.25
C ALA A 101 -18.13 -0.82 3.27
N ALA A 102 -16.80 -0.90 3.20
CA ALA A 102 -16.10 -1.75 2.24
C ALA A 102 -15.80 -3.15 2.73
N PHE A 103 -15.38 -3.27 3.98
CA PHE A 103 -14.91 -4.54 4.56
C PHE A 103 -15.83 -5.08 5.66
N GLY A 104 -16.78 -4.27 6.11
CA GLY A 104 -17.66 -4.65 7.20
C GLY A 104 -17.14 -4.27 8.58
N ASN A 105 -18.07 -4.26 9.54
CA ASN A 105 -17.86 -3.81 10.90
C ASN A 105 -16.82 -4.66 11.64
N ALA A 106 -16.90 -5.97 11.56
CA ALA A 106 -16.03 -6.76 12.40
C ALA A 106 -14.56 -6.52 12.02
N ALA A 107 -14.24 -6.54 10.73
CA ALA A 107 -12.85 -6.40 10.28
C ALA A 107 -12.32 -5.01 10.63
N SER A 108 -13.18 -4.02 10.43
CA SER A 108 -12.92 -2.68 10.91
C SER A 108 -12.48 -2.63 12.39
N VAL A 109 -13.27 -3.25 13.27
CA VAL A 109 -12.98 -3.20 14.71
C VAL A 109 -11.70 -3.96 15.02
N LEU A 110 -11.57 -5.13 14.40
CA LEU A 110 -10.46 -6.01 14.68
C LEU A 110 -9.14 -5.61 14.05
N VAL A 111 -9.16 -5.08 12.84
CA VAL A 111 -7.93 -4.57 12.25
C VAL A 111 -7.49 -3.30 13.00
N GLY A 112 -8.45 -2.47 13.40
CA GLY A 112 -8.17 -1.40 14.35
C GLY A 112 -7.49 -1.80 15.66
N ASP A 113 -7.92 -2.92 16.26
CA ASP A 113 -7.26 -3.43 17.47
C ASP A 113 -5.84 -3.87 17.16
N PHE A 114 -5.66 -4.61 16.06
CA PHE A 114 -4.31 -4.92 15.58
C PHE A 114 -3.46 -3.67 15.42
N ILE A 115 -4.00 -2.70 14.72
CA ILE A 115 -3.27 -1.47 14.48
C ILE A 115 -2.94 -0.78 15.80
N TYR A 116 -3.89 -0.74 16.75
CA TYR A 116 -3.57 -0.09 18.02
C TYR A 116 -2.49 -0.87 18.78
N THR A 117 -2.61 -2.18 18.86
CA THR A 117 -1.65 -2.96 19.61
C THR A 117 -0.26 -2.91 18.99
N ARG A 118 -0.20 -2.78 17.66
CA ARG A 118 1.10 -2.61 16.99
C ARG A 118 1.77 -1.30 17.37
N ALA A 119 1.00 -0.22 17.42
CA ALA A 119 1.55 1.05 17.82
C ALA A 119 2.10 0.99 19.24
N PHE A 120 1.40 0.29 20.10
CA PHE A 120 1.91 0.09 21.44
C PHE A 120 3.21 -0.74 21.51
N GLN A 121 3.38 -1.65 20.57
CA GLN A 121 4.65 -2.31 20.39
C GLN A 121 5.74 -1.40 19.89
N MET A 122 5.37 -0.53 18.95
CA MET A 122 6.36 0.39 18.44
C MET A 122 6.81 1.34 19.53
N MET A 123 5.88 1.75 20.37
CA MET A 123 6.15 2.68 21.46
C MET A 123 6.99 2.11 22.58
N THR A 124 6.75 0.85 22.89
CA THR A 124 7.52 0.13 23.86
C THR A 124 8.94 0.03 23.38
N SER A 125 9.11 -0.20 22.08
CA SER A 125 10.45 -0.37 21.55
C SER A 125 11.28 0.91 21.60
N LEU A 126 10.68 2.06 21.85
CA LEU A 126 11.42 3.31 22.07
C LEU A 126 11.92 3.46 23.49
N GLY A 127 11.47 2.61 24.41
CA GLY A 127 12.16 2.43 25.71
C GLY A 127 11.93 3.54 26.71
N SER A 128 10.96 4.39 26.42
CA SER A 128 10.54 5.43 27.35
C SER A 128 9.23 5.08 28.05
N LEU A 129 9.30 4.73 29.32
CA LEU A 129 8.10 4.48 30.11
C LEU A 129 7.23 5.71 30.27
N LYS A 130 7.86 6.87 30.31
CA LYS A 130 7.19 8.14 30.44
C LYS A 130 6.29 8.38 29.25
N VAL A 131 6.82 8.16 28.05
CA VAL A 131 6.01 8.30 26.82
C VAL A 131 4.84 7.30 26.83
N LEU A 132 5.11 6.07 27.23
CA LEU A 132 4.07 5.06 27.32
C LEU A 132 2.98 5.47 28.27
N GLU A 133 3.37 6.04 29.41
CA GLU A 133 2.39 6.49 30.41
C GLU A 133 1.53 7.61 29.86
N VAL A 134 2.17 8.63 29.30
CA VAL A 134 1.46 9.80 28.74
C VAL A 134 0.52 9.42 27.62
N MET A 135 1.02 8.61 26.71
CA MET A 135 0.30 8.27 25.50
C MET A 135 -0.84 7.33 25.86
N SER A 136 -0.54 6.33 26.68
CA SER A 136 -1.57 5.36 27.00
C SER A 136 -2.67 5.97 27.89
N GLU A 137 -2.38 7.03 28.63
CA GLU A 137 -3.43 7.77 29.34
C GLU A 137 -4.30 8.53 28.36
N ALA A 138 -3.68 9.23 27.42
CA ALA A 138 -4.41 10.04 26.47
C ALA A 138 -5.41 9.23 25.65
N VAL A 139 -5.10 7.99 25.35
CA VAL A 139 -5.95 7.19 24.52
C VAL A 139 -7.10 6.63 25.34
N ASN A 140 -6.80 6.27 26.57
CA ASN A 140 -7.82 5.75 27.43
C ASN A 140 -8.82 6.83 27.78
N VAL A 141 -8.34 8.05 27.97
CA VAL A 141 -9.22 9.17 28.27
C VAL A 141 -10.14 9.51 27.08
N ILE A 142 -9.62 9.45 25.87
CA ILE A 142 -10.46 9.61 24.68
C ILE A 142 -11.54 8.53 24.61
N ALA A 143 -11.17 7.28 24.84
CA ALA A 143 -12.13 6.17 24.76
C ALA A 143 -13.16 6.25 25.88
N GLU A 144 -12.72 6.67 27.07
CA GLU A 144 -13.68 6.96 28.12
C GLU A 144 -14.65 8.01 27.68
N GLY A 145 -14.15 9.09 27.10
CA GLY A 145 -15.00 10.16 26.60
C GLY A 145 -16.07 9.70 25.61
N GLU A 146 -15.75 8.73 24.76
CA GLU A 146 -16.70 8.17 23.80
C GLU A 146 -17.78 7.35 24.47
N VAL A 147 -17.41 6.60 25.50
CA VAL A 147 -18.37 5.77 26.20
C VAL A 147 -19.36 6.67 26.96
N LEU A 148 -18.87 7.74 27.56
CA LEU A 148 -19.74 8.77 28.19
C LEU A 148 -20.80 9.34 27.25
N GLN A 149 -20.38 9.79 26.06
CA GLN A 149 -21.31 10.38 25.09
C GLN A 149 -22.38 9.39 24.66
N LEU A 150 -21.95 8.16 24.41
CA LEU A 150 -22.81 7.07 24.02
C LEU A 150 -23.87 6.76 25.09
N MET A 151 -23.40 6.50 26.30
CA MET A 151 -24.25 5.92 27.32
C MET A 151 -25.06 6.94 28.05
N ASN A 152 -24.79 8.20 27.82
CA ASN A 152 -25.51 9.22 28.53
C ASN A 152 -26.31 10.13 27.64
N VAL A 153 -27.10 10.98 28.32
CA VAL A 153 -27.91 11.98 27.68
C VAL A 153 -27.01 13.19 27.57
N ASN A 154 -26.92 13.77 26.37
CA ASN A 154 -26.17 14.99 26.19
C ASN A 154 -26.85 16.07 27.05
N ASP A 155 -26.06 16.79 27.85
CA ASP A 155 -26.58 17.92 28.62
C ASP A 155 -26.61 19.18 27.73
N PRO A 156 -27.79 19.60 27.22
CA PRO A 156 -27.80 20.84 26.42
C PRO A 156 -27.36 22.09 27.21
N ASP A 157 -27.49 22.04 28.53
CA ASP A 157 -27.22 23.21 29.37
C ASP A 157 -25.77 23.29 29.89
N ILE A 158 -24.83 22.64 29.18
CA ILE A 158 -23.43 22.67 29.57
C ILE A 158 -22.88 24.10 29.46
N THR A 159 -22.07 24.53 30.45
CA THR A 159 -21.41 25.84 30.39
C THR A 159 -20.32 25.79 29.32
N GLU A 160 -19.98 26.94 28.77
CA GLU A 160 -18.93 27.00 27.78
C GLU A 160 -17.60 26.59 28.36
N GLU A 161 -17.33 26.97 29.59
CA GLU A 161 -16.08 26.60 30.20
C GLU A 161 -15.99 25.11 30.48
N ASN A 162 -17.11 24.47 30.73
CA ASN A 162 -17.11 23.06 30.94
C ASN A 162 -17.01 22.35 29.59
N TYR A 163 -17.43 22.98 28.52
CA TYR A 163 -17.31 22.37 27.23
C TYR A 163 -15.83 22.33 26.82
N MET A 164 -15.12 23.41 27.03
CA MET A 164 -13.67 23.50 26.73
C MET A 164 -12.88 22.52 27.60
N ARG A 165 -13.34 22.38 28.84
CA ARG A 165 -12.75 21.44 29.77
C ARG A 165 -12.77 20.01 29.22
N VAL A 166 -13.86 19.63 28.55
CA VAL A 166 -13.93 18.31 27.94
C VAL A 166 -12.88 18.16 26.83
N ILE A 167 -12.70 19.21 26.04
CA ILE A 167 -11.67 19.18 25.01
C ILE A 167 -10.26 19.12 25.59
N TYR A 168 -9.99 19.96 26.59
CA TYR A 168 -8.65 20.01 27.19
C TYR A 168 -8.31 18.71 27.87
N SER A 169 -9.23 18.19 28.67
CA SER A 169 -8.91 17.00 29.44
C SER A 169 -9.16 15.70 28.69
N LYS A 170 -9.94 15.72 27.60
CA LYS A 170 -10.15 14.52 26.79
C LYS A 170 -9.89 14.66 25.28
N THR A 171 -10.71 15.42 24.55
CA THR A 171 -10.81 15.21 23.10
C THR A 171 -9.53 15.56 22.32
N ALA A 172 -8.74 16.47 22.87
CA ALA A 172 -7.56 16.93 22.19
C ALA A 172 -6.30 16.22 22.67
N ARG A 173 -6.43 15.23 23.55
CA ARG A 173 -5.26 14.70 24.25
C ARG A 173 -4.28 13.96 23.36
N LEU A 174 -4.72 13.53 22.18
CA LEU A 174 -3.80 12.92 21.19
C LEU A 174 -2.84 13.96 20.57
N PHE A 175 -3.38 15.13 20.25
CA PHE A 175 -2.58 16.27 19.84
C PHE A 175 -1.63 16.68 20.91
N GLU A 176 -2.07 16.66 22.16
CA GLU A 176 -1.24 17.06 23.28
C GLU A 176 -0.07 16.09 23.40
N ALA A 177 -0.41 14.81 23.46
CA ALA A 177 0.56 13.72 23.55
C ALA A 177 1.51 13.59 22.35
N ALA A 178 1.03 13.90 21.13
CA ALA A 178 1.90 13.83 19.95
C ALA A 178 3.08 14.76 20.07
N ALA A 179 2.82 16.01 20.48
CA ALA A 179 3.86 17.02 20.69
C ALA A 179 4.72 16.73 21.89
N GLN A 180 4.06 16.42 23.02
CA GLN A 180 4.78 16.19 24.27
C GLN A 180 5.69 14.97 24.25
N CYS A 181 5.24 13.85 23.70
CA CYS A 181 6.06 12.65 23.74
C CYS A 181 7.25 12.76 22.81
N SER A 182 7.06 13.47 21.72
CA SER A 182 8.14 13.78 20.81
C SER A 182 9.21 14.57 21.55
N GLY A 183 8.79 15.59 22.28
CA GLY A 183 9.67 16.36 23.13
C GLY A 183 10.41 15.52 24.16
N ILE A 184 9.68 14.64 24.85
CA ILE A 184 10.27 13.76 25.86
C ILE A 184 11.29 12.82 25.24
N LEU A 185 11.01 12.35 24.04
CA LEU A 185 11.92 11.45 23.33
C LEU A 185 13.24 12.11 22.89
N ALA A 186 13.24 13.44 22.78
CA ALA A 186 14.39 14.19 22.33
C ALA A 186 15.19 14.74 23.50
N GLY A 187 14.82 14.31 24.71
CA GLY A 187 15.53 14.71 25.91
C GLY A 187 15.36 16.19 26.18
N CYS A 188 14.22 16.75 25.81
CA CYS A 188 14.00 18.16 25.96
C CYS A 188 13.89 18.63 27.42
N THR A 189 13.99 19.93 27.56
CA THR A 189 13.89 20.61 28.83
C THR A 189 12.46 20.57 29.39
N PRO A 190 12.30 20.52 30.73
CA PRO A 190 10.94 20.54 31.28
C PRO A 190 10.08 21.74 30.84
N GLU A 191 10.70 22.89 30.68
CA GLU A 191 10.03 24.04 30.09
C GLU A 191 9.58 23.82 28.65
N GLU A 192 10.48 23.28 27.85
CA GLU A 192 10.21 22.97 26.48
C GLU A 192 9.09 21.94 26.41
N GLU A 193 9.11 21.00 27.34
CA GLU A 193 8.13 19.93 27.35
C GLU A 193 6.73 20.47 27.61
N LYS A 194 6.59 21.30 28.63
CA LYS A 194 5.31 21.93 28.95
C LYS A 194 4.87 22.80 27.80
N GLY A 195 5.81 23.41 27.10
CA GLY A 195 5.48 24.24 25.95
C GLY A 195 4.85 23.48 24.79
N LEU A 196 5.49 22.38 24.39
CA LEU A 196 4.98 21.51 23.33
C LEU A 196 3.65 20.88 23.73
N GLN A 197 3.51 20.56 25.00
CA GLN A 197 2.32 19.93 25.52
C GLN A 197 1.16 20.92 25.40
N ASP A 198 1.37 22.14 25.85
CA ASP A 198 0.32 23.13 25.75
C ASP A 198 0.01 23.50 24.29
N TYR A 199 1.05 23.50 23.45
CA TYR A 199 0.84 23.79 22.05
C TYR A 199 -0.05 22.72 21.44
N GLY A 200 0.22 21.47 21.78
CA GLY A 200 -0.53 20.38 21.18
C GLY A 200 -1.99 20.44 21.59
N ARG A 201 -2.20 20.58 22.90
CA ARG A 201 -3.52 20.73 23.46
C ARG A 201 -4.26 21.86 22.77
N TYR A 202 -3.61 23.02 22.64
CA TYR A 202 -4.30 24.19 22.14
C TYR A 202 -4.55 24.10 20.65
N LEU A 203 -3.59 23.55 19.92
CA LEU A 203 -3.76 23.42 18.50
C LEU A 203 -4.89 22.43 18.19
N GLY A 204 -4.96 21.35 18.96
CA GLY A 204 -5.98 20.34 18.79
C GLY A 204 -7.33 20.87 19.20
N THR A 205 -7.33 21.73 20.20
CA THR A 205 -8.55 22.41 20.55
C THR A 205 -9.06 23.30 19.43
N ALA A 206 -8.15 24.08 18.84
CA ALA A 206 -8.48 25.00 17.75
C ALA A 206 -8.98 24.21 16.58
N PHE A 207 -8.29 23.10 16.36
CA PHE A 207 -8.61 22.18 15.29
C PHE A 207 -9.98 21.52 15.46
N GLN A 208 -10.30 21.15 16.69
CA GLN A 208 -11.59 20.53 17.01
C GLN A 208 -12.72 21.54 16.77
N LEU A 209 -12.48 22.79 17.15
CA LEU A 209 -13.50 23.81 17.02
C LEU A 209 -13.75 24.14 15.54
N ILE A 210 -12.68 24.24 14.76
CA ILE A 210 -12.82 24.48 13.33
C ILE A 210 -13.52 23.32 12.61
N ASP A 211 -13.18 22.08 12.96
CA ASP A 211 -13.84 20.89 12.39
C ASP A 211 -15.36 20.95 12.61
N ASP A 212 -15.75 21.31 13.83
CA ASP A 212 -17.13 21.44 14.24
C ASP A 212 -17.86 22.54 13.46
N LEU A 213 -17.24 23.73 13.31
CA LEU A 213 -17.87 24.78 12.54
C LEU A 213 -17.96 24.41 11.07
N LEU A 214 -16.97 23.68 10.58
CA LEU A 214 -16.93 23.22 9.19
C LEU A 214 -17.97 22.14 8.88
N ASP A 215 -18.42 21.44 9.91
CA ASP A 215 -19.45 20.46 9.72
C ASP A 215 -20.78 21.10 9.31
N TYR A 216 -20.96 22.38 9.64
CA TYR A 216 -22.14 23.14 9.28
C TYR A 216 -21.94 23.98 8.03
N ASN A 217 -20.68 24.19 7.63
CA ASN A 217 -20.34 24.88 6.38
C ASN A 217 -20.65 23.98 5.14
N ALA A 218 -21.92 23.97 4.71
CA ALA A 218 -22.42 23.05 3.67
C ALA A 218 -22.09 23.51 2.23
N ASP A 219 -22.75 22.91 1.23
CA ASP A 219 -22.56 23.27 -0.18
C ASP A 219 -21.08 23.08 -0.59
N GLY A 220 -20.57 21.86 -0.41
CA GLY A 220 -19.20 21.50 -0.75
C GLY A 220 -18.53 20.72 0.37
N ASN A 226 -19.75 14.85 4.20
CA ASN A 226 -19.05 15.24 5.40
C ASN A 226 -19.49 16.60 5.86
N VAL A 227 -20.80 16.83 5.76
CA VAL A 227 -21.44 18.04 6.16
C VAL A 227 -22.80 17.67 6.72
N GLY A 228 -23.10 18.14 7.91
CA GLY A 228 -24.36 17.91 8.55
C GLY A 228 -24.55 16.71 9.43
N ASP A 229 -23.52 15.90 9.58
CA ASP A 229 -23.56 14.69 10.38
C ASP A 229 -23.70 14.95 11.84
N ASP A 230 -23.14 16.05 12.30
CA ASP A 230 -23.20 16.38 13.71
C ASP A 230 -24.60 16.80 14.11
N LEU A 231 -25.29 17.51 13.23
CA LEU A 231 -26.65 17.94 13.51
C LEU A 231 -27.68 16.81 13.32
N ASN A 232 -27.40 15.87 12.41
CA ASN A 232 -28.22 14.68 12.24
C ASN A 232 -28.32 13.77 13.48
N GLU A 233 -27.28 13.73 14.30
CA GLU A 233 -27.27 12.90 15.48
C GLU A 233 -27.41 13.80 16.71
N GLY A 234 -27.86 15.04 16.48
CA GLY A 234 -28.06 16.00 17.55
C GLY A 234 -26.86 16.26 18.44
N LYS A 235 -25.66 16.16 17.88
CA LYS A 235 -24.45 16.30 18.69
C LYS A 235 -24.27 17.73 19.22
N PRO A 236 -24.08 17.86 20.54
CA PRO A 236 -23.92 19.12 21.25
C PRO A 236 -22.53 19.81 21.12
N THR A 237 -22.19 20.25 19.90
CA THR A 237 -20.94 20.95 19.64
C THR A 237 -21.10 22.47 19.85
N LEU A 238 -19.97 23.18 19.81
CA LEU A 238 -19.93 24.57 20.23
C LEU A 238 -20.80 25.52 19.42
N PRO A 239 -20.67 25.47 18.09
CA PRO A 239 -21.50 26.34 17.26
C PRO A 239 -23.01 26.11 17.42
N LEU A 240 -23.42 24.86 17.64
CA LEU A 240 -24.84 24.55 17.73
C LEU A 240 -25.37 25.05 19.07
N LEU A 241 -24.58 24.92 20.13
CA LEU A 241 -24.97 25.38 21.45
C LEU A 241 -25.01 26.89 21.52
N HIS A 242 -24.17 27.55 20.73
CA HIS A 242 -24.09 29.01 20.74
C HIS A 242 -25.39 29.54 20.20
N ALA A 243 -25.77 29.05 19.03
CA ALA A 243 -27.06 29.41 18.41
C ALA A 243 -28.26 29.16 19.33
N MET A 244 -28.19 28.11 20.15
CA MET A 244 -29.24 27.83 21.11
C MET A 244 -29.30 28.90 22.18
N HIS A 245 -28.14 29.41 22.61
CA HIS A 245 -28.12 30.39 23.70
C HIS A 245 -28.46 31.79 23.18
N HIS A 246 -28.13 32.06 21.91
CA HIS A 246 -28.25 33.41 21.33
C HIS A 246 -29.39 33.58 20.34
N GLY A 247 -29.96 32.48 19.88
CA GLY A 247 -31.06 32.57 18.92
C GLY A 247 -32.37 32.88 19.61
N THR A 248 -33.42 32.97 18.80
CA THR A 248 -34.79 33.20 19.29
C THR A 248 -35.21 32.00 20.14
N PRO A 249 -36.18 32.18 21.05
CA PRO A 249 -36.54 31.00 21.86
C PRO A 249 -37.12 29.87 21.00
N GLU A 250 -37.59 30.18 19.80
CA GLU A 250 -38.01 29.17 18.82
C GLU A 250 -36.80 28.38 18.29
N GLN A 251 -35.80 29.09 17.81
CA GLN A 251 -34.58 28.46 17.32
C GLN A 251 -33.99 27.63 18.45
N ALA A 252 -33.90 28.25 19.63
CA ALA A 252 -33.38 27.59 20.83
C ALA A 252 -34.04 26.26 21.06
N GLN A 253 -35.36 26.29 21.18
CA GLN A 253 -36.21 25.11 21.46
C GLN A 253 -36.08 24.05 20.37
N MET A 254 -35.85 24.47 19.13
CA MET A 254 -35.60 23.56 18.02
C MET A 254 -34.29 22.83 18.20
N ILE A 255 -33.25 23.61 18.47
CA ILE A 255 -31.91 23.06 18.64
C ILE A 255 -31.87 22.21 19.90
N ARG A 256 -32.63 22.64 20.90
CA ARG A 256 -32.77 21.86 22.12
C ARG A 256 -33.40 20.47 21.96
N THR A 257 -34.44 20.38 21.14
CA THR A 257 -35.14 19.12 20.97
C THR A 257 -34.24 18.21 20.12
N ALA A 258 -33.49 18.81 19.18
CA ALA A 258 -32.50 18.05 18.43
C ALA A 258 -31.41 17.39 19.28
N ILE A 259 -30.88 18.12 20.26
CA ILE A 259 -29.93 17.56 21.21
C ILE A 259 -30.60 16.56 22.13
N GLU A 260 -31.82 16.84 22.58
CA GLU A 260 -32.53 15.93 23.50
C GLU A 260 -32.96 14.62 22.86
N GLN A 261 -33.25 14.67 21.55
CA GLN A 261 -33.59 13.48 20.78
C GLN A 261 -32.34 12.70 20.34
N GLY A 262 -31.20 13.39 20.28
CA GLY A 262 -30.04 12.85 19.60
C GLY A 262 -30.35 12.71 18.12
N ASN A 263 -31.09 13.69 17.58
CA ASN A 263 -31.61 13.60 16.21
C ASN A 263 -31.99 15.00 15.75
N GLY A 264 -31.27 15.55 14.77
CA GLY A 264 -31.62 16.84 14.23
C GLY A 264 -31.75 16.71 12.74
N ARG A 265 -32.22 15.56 12.30
CA ARG A 265 -32.51 15.36 10.89
C ARG A 265 -33.58 16.37 10.49
N HIS A 266 -33.48 16.83 9.23
CA HIS A 266 -34.36 17.84 8.63
C HIS A 266 -34.17 19.29 9.12
N LEU A 267 -33.16 19.49 9.96
CA LEU A 267 -33.02 20.72 10.69
C LEU A 267 -31.87 21.62 10.20
N LEU A 268 -31.17 21.21 9.14
CA LEU A 268 -29.90 21.83 8.74
C LEU A 268 -30.11 23.29 8.34
N GLU A 269 -30.96 23.52 7.36
CA GLU A 269 -31.18 24.89 6.88
C GLU A 269 -31.71 25.83 8.00
N PRO A 270 -32.71 25.37 8.77
CA PRO A 270 -33.17 26.17 9.91
C PRO A 270 -32.07 26.60 10.89
N VAL A 271 -31.20 25.66 11.23
CA VAL A 271 -30.14 25.93 12.17
C VAL A 271 -29.09 26.83 11.55
N LEU A 272 -28.80 26.61 10.26
CA LEU A 272 -27.95 27.53 9.49
C LEU A 272 -28.41 28.98 9.55
N GLU A 273 -29.70 29.22 9.32
CA GLU A 273 -30.22 30.55 9.39
C GLU A 273 -30.12 31.06 10.83
N ALA A 274 -30.42 30.22 11.82
CA ALA A 274 -30.30 30.62 13.23
C ALA A 274 -28.86 31.00 13.57
N MET A 275 -27.92 30.13 13.19
CA MET A 275 -26.50 30.39 13.38
C MET A 275 -26.09 31.69 12.73
N ASN A 276 -26.43 31.84 11.45
CA ASN A 276 -26.03 33.00 10.64
C ASN A 276 -26.49 34.32 11.24
N ALA A 277 -27.66 34.34 11.88
CA ALA A 277 -28.18 35.53 12.58
C ALA A 277 -27.39 35.89 13.83
N CYS A 278 -27.08 34.89 14.67
CA CYS A 278 -26.28 35.09 15.88
C CYS A 278 -24.77 35.29 15.64
N GLY A 279 -24.29 35.05 14.43
CA GLY A 279 -22.86 34.95 14.14
C GLY A 279 -22.14 33.74 14.75
N SER A 280 -22.86 32.64 14.97
CA SER A 280 -22.34 31.48 15.70
C SER A 280 -21.11 30.84 15.06
N LEU A 281 -21.09 30.75 13.74
CA LEU A 281 -19.94 30.18 13.04
C LEU A 281 -18.67 31.03 13.16
N GLU A 282 -18.77 32.30 12.76
CA GLU A 282 -17.71 33.28 13.01
C GLU A 282 -17.26 33.32 14.49
N TRP A 283 -18.20 33.23 15.42
CA TRP A 283 -17.85 33.27 16.84
C TRP A 283 -17.04 32.04 17.26
N THR A 284 -17.34 30.91 16.62
CA THR A 284 -16.58 29.68 16.79
C THR A 284 -15.19 29.77 16.14
N ARG A 285 -15.14 30.32 14.93
CA ARG A 285 -13.90 30.62 14.25
C ARG A 285 -13.05 31.58 15.10
N GLN A 286 -13.70 32.46 15.85
CA GLN A 286 -13.01 33.37 16.76
C GLN A 286 -12.54 32.67 18.03
N ARG A 287 -13.35 31.75 18.57
CA ARG A 287 -12.90 30.99 19.72
C ARG A 287 -11.71 30.16 19.34
N ALA A 288 -11.71 29.66 18.11
CA ALA A 288 -10.62 28.84 17.62
C ALA A 288 -9.29 29.61 17.48
N GLU A 289 -9.39 30.87 17.06
CA GLU A 289 -8.23 31.70 16.87
C GLU A 289 -7.52 31.95 18.19
N GLU A 290 -8.30 32.12 19.25
CA GLU A 290 -7.73 32.32 20.58
C GLU A 290 -6.99 31.07 21.01
N GLU A 291 -7.50 29.91 20.61
CA GLU A 291 -6.84 28.68 20.95
C GLU A 291 -5.50 28.57 20.21
N ALA A 292 -5.51 28.97 18.94
CA ALA A 292 -4.31 28.97 18.11
C ALA A 292 -3.25 29.93 18.63
N ASP A 293 -3.68 31.03 19.24
CA ASP A 293 -2.72 31.99 19.79
C ASP A 293 -2.15 31.52 21.11
N LYS A 294 -2.91 30.75 21.87
CA LYS A 294 -2.38 30.15 23.09
C LYS A 294 -1.35 29.10 22.76
N ALA A 295 -1.58 28.37 21.67
CA ALA A 295 -0.61 27.38 21.16
C ALA A 295 0.73 28.02 20.74
N ILE A 296 0.60 29.06 19.90
CA ILE A 296 1.72 29.88 19.44
C ILE A 296 2.49 30.52 20.61
N ALA A 297 1.78 30.96 21.64
CA ALA A 297 2.39 31.60 22.81
C ALA A 297 3.13 30.62 23.68
N ALA A 298 2.62 29.39 23.76
CA ALA A 298 3.29 28.35 24.54
C ALA A 298 4.64 27.93 23.95
N LEU A 299 4.78 28.13 22.64
CA LEU A 299 6.00 27.79 21.91
C LEU A 299 7.15 28.76 22.09
N GLN A 300 6.93 29.91 22.71
CA GLN A 300 7.94 30.94 22.79
C GLN A 300 9.09 30.57 23.72
N VAL A 301 8.86 29.53 24.50
CA VAL A 301 9.87 29.03 25.41
C VAL A 301 10.98 28.23 24.67
N LEU A 302 10.68 27.79 23.45
CA LEU A 302 11.61 27.09 22.61
C LEU A 302 12.40 28.05 21.72
N PRO A 303 13.55 27.56 21.21
CA PRO A 303 14.41 28.37 20.35
C PRO A 303 13.64 28.85 19.14
N ASP A 304 14.01 30.02 18.60
CA ASP A 304 13.46 30.48 17.30
C ASP A 304 14.12 29.64 16.22
N THR A 305 13.35 28.72 15.62
CA THR A 305 13.82 27.85 14.51
C THR A 305 12.83 27.77 13.37
N PRO A 306 13.27 27.24 12.21
CA PRO A 306 12.37 26.97 11.12
C PRO A 306 11.27 26.00 11.51
N TRP A 307 11.61 25.04 12.36
CA TRP A 307 10.68 24.03 12.81
C TRP A 307 9.63 24.70 13.73
N ARG A 308 10.09 25.59 14.60
CA ARG A 308 9.16 26.38 15.42
C ARG A 308 8.23 27.25 14.56
N GLU A 309 8.78 27.86 13.51
CA GLU A 309 7.97 28.67 12.57
C GLU A 309 6.89 27.85 11.92
N ALA A 310 7.20 26.60 11.61
CA ALA A 310 6.29 25.69 10.92
C ALA A 310 5.19 25.20 11.85
N LEU A 311 5.51 25.02 13.13
CA LEU A 311 4.49 24.77 14.16
C LEU A 311 3.55 25.95 14.32
N ILE A 312 4.14 27.14 14.38
CA ILE A 312 3.37 28.37 14.42
C ILE A 312 2.54 28.49 13.12
N GLY A 313 3.14 28.09 12.01
CA GLY A 313 2.44 28.06 10.74
C GLY A 313 1.28 27.08 10.69
N LEU A 314 1.43 25.91 11.30
CA LEU A 314 0.33 24.96 11.35
C LEU A 314 -0.85 25.51 12.14
N ALA A 315 -0.57 26.25 13.21
CA ALA A 315 -1.61 26.82 14.01
C ALA A 315 -2.42 27.89 13.30
N HIS A 316 -1.77 28.73 12.51
CA HIS A 316 -2.47 29.76 11.74
C HIS A 316 -3.26 29.07 10.67
N ILE A 317 -2.67 28.06 10.05
CA ILE A 317 -3.32 27.38 8.95
C ILE A 317 -4.59 26.70 9.44
N ALA A 318 -4.51 26.07 10.61
CA ALA A 318 -5.64 25.34 11.15
C ALA A 318 -6.86 26.23 11.38
N VAL A 319 -6.64 27.49 11.71
CA VAL A 319 -7.74 28.41 11.91
C VAL A 319 -8.00 29.29 10.67
N GLN A 320 -7.54 28.81 9.50
CA GLN A 320 -7.76 29.45 8.20
C GLN A 320 -7.49 30.95 8.21
N MET B 1 10.89 -29.66 0.66
CA MET B 1 10.52 -28.30 1.20
C MET B 1 9.25 -27.85 0.51
N ASN B 2 8.14 -27.84 1.24
CA ASN B 2 6.87 -27.48 0.59
C ASN B 2 6.66 -25.99 0.80
N LEU B 3 5.50 -25.51 0.35
CA LEU B 3 5.21 -24.08 0.30
C LEU B 3 5.33 -23.40 1.65
N GLU B 4 4.83 -24.09 2.68
CA GLU B 4 4.69 -23.53 4.04
C GLU B 4 6.06 -23.19 4.55
N LYS B 5 6.98 -24.10 4.34
CA LYS B 5 8.35 -23.96 4.82
C LYS B 5 9.07 -22.83 4.09
N ILE B 6 8.85 -22.75 2.77
CA ILE B 6 9.43 -21.71 1.93
C ILE B 6 8.87 -20.35 2.32
N ASN B 7 7.56 -20.27 2.48
CA ASN B 7 6.95 -19.02 2.90
C ASN B 7 7.45 -18.50 4.24
N GLU B 8 7.76 -19.41 5.15
CA GLU B 8 8.27 -19.04 6.47
C GLU B 8 9.76 -18.65 6.41
N LEU B 9 10.53 -19.33 5.58
CA LEU B 9 11.93 -18.98 5.40
C LEU B 9 12.14 -17.56 4.84
N THR B 10 11.13 -17.09 4.14
CA THR B 10 11.31 -16.01 3.20
C THR B 10 10.41 -14.86 3.63
N ALA B 11 9.65 -15.07 4.72
CA ALA B 11 8.53 -14.22 5.09
C ALA B 11 9.03 -12.85 5.39
N GLN B 12 10.17 -12.77 6.05
CA GLN B 12 10.68 -11.47 6.48
C GLN B 12 11.01 -10.62 5.25
N ASP B 13 11.88 -11.16 4.41
CA ASP B 13 12.25 -10.52 3.15
C ASP B 13 11.07 -10.15 2.22
N MET B 14 10.06 -11.02 2.10
CA MET B 14 8.94 -10.77 1.20
C MET B 14 8.02 -9.64 1.70
N ALA B 15 7.90 -9.49 3.01
CA ALA B 15 7.22 -8.35 3.64
C ALA B 15 7.95 -7.03 3.35
N GLY B 16 9.28 -7.07 3.35
CA GLY B 16 10.08 -5.97 2.84
C GLY B 16 9.85 -5.61 1.37
N VAL B 17 9.62 -6.62 0.53
CA VAL B 17 9.37 -6.42 -0.89
C VAL B 17 8.02 -5.77 -1.02
N ASN B 18 7.05 -6.26 -0.25
CA ASN B 18 5.74 -5.66 -0.26
C ASN B 18 5.78 -4.17 0.22
N ALA B 19 6.58 -3.90 1.25
CA ALA B 19 6.73 -2.54 1.76
C ALA B 19 7.46 -1.65 0.74
N ALA B 20 8.43 -2.20 0.05
CA ALA B 20 9.17 -1.44 -0.95
C ALA B 20 8.34 -1.16 -2.19
N ILE B 21 7.40 -2.05 -2.48
CA ILE B 21 6.52 -1.84 -3.62
C ILE B 21 5.55 -0.72 -3.27
N LEU B 22 4.87 -0.88 -2.14
CA LEU B 22 3.81 0.08 -1.73
C LEU B 22 4.34 1.50 -1.47
N GLU B 23 5.57 1.61 -1.01
CA GLU B 23 6.10 2.93 -0.81
C GLU B 23 6.36 3.68 -2.14
N GLN B 24 6.56 2.97 -3.25
CA GLN B 24 6.65 3.65 -4.55
C GLN B 24 5.33 4.09 -5.16
N LEU B 25 4.20 3.65 -4.65
CA LEU B 25 2.92 4.20 -5.08
C LEU B 25 2.62 5.52 -4.36
N ASN B 26 3.39 6.55 -4.65
CA ASN B 26 3.45 7.77 -3.86
C ASN B 26 3.29 9.00 -4.75
N SER B 27 2.61 8.86 -5.87
CA SER B 27 2.51 9.94 -6.82
C SER B 27 1.41 10.92 -6.38
N ASP B 28 1.58 12.17 -6.76
CA ASP B 28 0.51 13.17 -6.67
C ASP B 28 -0.59 12.85 -7.68
N VAL B 29 -0.24 12.20 -8.78
CA VAL B 29 -1.20 11.88 -9.83
C VAL B 29 -1.88 10.61 -9.36
N GLN B 30 -3.01 10.75 -8.72
CA GLN B 30 -3.69 9.66 -8.05
C GLN B 30 -4.08 8.44 -8.81
N LEU B 31 -4.18 8.55 -10.11
CA LEU B 31 -4.50 7.42 -10.92
C LEU B 31 -3.38 6.40 -10.92
N ILE B 32 -2.14 6.84 -10.85
CA ILE B 32 -1.02 5.97 -10.80
C ILE B 32 -1.07 5.07 -9.59
N ASN B 33 -1.41 5.61 -8.46
CA ASN B 33 -1.47 4.80 -7.28
C ASN B 33 -2.61 3.84 -7.23
N GLN B 34 -3.77 4.25 -7.68
CA GLN B 34 -4.93 3.41 -7.69
C GLN B 34 -4.80 2.23 -8.59
N LEU B 35 -4.41 2.50 -9.82
CA LEU B 35 -4.28 1.48 -10.84
C LEU B 35 -3.15 0.53 -10.46
N GLY B 36 -2.02 1.08 -10.05
CA GLY B 36 -0.89 0.30 -9.58
C GLY B 36 -1.26 -0.58 -8.41
N TYR B 37 -2.00 -0.03 -7.44
CA TYR B 37 -2.35 -0.78 -6.24
C TYR B 37 -3.36 -1.87 -6.57
N TYR B 38 -4.28 -1.56 -7.45
CA TYR B 38 -5.26 -2.52 -7.93
C TYR B 38 -4.56 -3.78 -8.41
N ILE B 39 -3.47 -3.62 -9.16
CA ILE B 39 -2.76 -4.77 -9.68
C ILE B 39 -1.92 -5.48 -8.66
N VAL B 40 -0.99 -4.78 -8.04
CA VAL B 40 -0.01 -5.46 -7.19
C VAL B 40 -0.63 -6.07 -5.95
N SER B 41 -1.80 -5.58 -5.54
CA SER B 41 -2.51 -6.19 -4.42
C SER B 41 -3.53 -7.24 -4.87
N GLY B 42 -3.43 -7.63 -6.11
CA GLY B 42 -4.37 -8.53 -6.72
C GLY B 42 -4.37 -9.99 -6.43
N GLY B 43 -3.39 -10.48 -5.72
CA GLY B 43 -3.37 -11.88 -5.41
C GLY B 43 -2.18 -12.59 -5.92
N GLY B 44 -1.47 -11.93 -6.80
CA GLY B 44 -0.26 -12.39 -7.40
C GLY B 44 0.67 -13.25 -6.57
N LYS B 45 1.22 -14.24 -7.22
CA LYS B 45 2.12 -15.17 -6.61
C LYS B 45 3.43 -14.64 -6.11
N ARG B 46 3.92 -13.59 -6.76
CA ARG B 46 5.18 -12.94 -6.48
C ARG B 46 6.33 -13.90 -6.54
N ILE B 47 6.31 -14.78 -7.51
CA ILE B 47 7.30 -15.82 -7.66
C ILE B 47 8.61 -15.21 -8.15
N ARG B 48 8.52 -14.19 -9.00
CA ARG B 48 9.75 -13.56 -9.49
C ARG B 48 10.58 -12.85 -8.40
N PRO B 49 9.93 -12.10 -7.50
CA PRO B 49 10.59 -11.53 -6.34
C PRO B 49 11.13 -12.56 -5.40
N MET B 50 10.36 -13.61 -5.16
CA MET B 50 10.80 -14.65 -4.24
C MET B 50 12.03 -15.33 -4.78
N ILE B 51 12.11 -15.46 -6.09
CA ILE B 51 13.26 -16.06 -6.76
C ILE B 51 14.48 -15.20 -6.55
N ALA B 52 14.34 -13.89 -6.73
CA ALA B 52 15.44 -12.95 -6.52
C ALA B 52 15.87 -12.84 -5.05
N VAL B 53 14.91 -12.74 -4.16
CA VAL B 53 15.22 -12.75 -2.76
C VAL B 53 16.02 -14.01 -2.34
N LEU B 54 15.61 -15.16 -2.85
CA LEU B 54 16.20 -16.44 -2.51
C LEU B 54 17.55 -16.67 -3.12
N ALA B 55 17.73 -16.18 -4.35
CA ALA B 55 19.02 -16.36 -5.04
C ALA B 55 20.13 -15.54 -4.38
N ALA B 56 19.83 -14.33 -3.94
CA ALA B 56 20.85 -13.53 -3.28
C ALA B 56 21.29 -14.19 -1.99
N ARG B 57 20.34 -14.68 -1.20
CA ARG B 57 20.68 -15.28 0.08
C ARG B 57 21.45 -16.55 -0.14
N ALA B 58 21.09 -17.28 -1.20
CA ALA B 58 21.77 -18.53 -1.51
C ALA B 58 23.25 -18.36 -1.81
N VAL B 59 23.64 -17.18 -2.26
CA VAL B 59 25.04 -16.90 -2.59
C VAL B 59 25.69 -16.12 -1.44
N GLY B 60 25.02 -16.06 -0.29
CA GLY B 60 25.64 -15.53 0.92
C GLY B 60 25.32 -14.08 1.24
N TYR B 61 24.50 -13.45 0.40
CA TYR B 61 24.17 -12.05 0.59
C TYR B 61 23.53 -11.86 1.94
N GLU B 62 23.93 -10.76 2.58
CA GLU B 62 23.45 -10.41 3.91
C GLU B 62 22.81 -9.02 4.03
N GLY B 63 22.82 -8.21 2.96
CA GLY B 63 22.25 -6.85 3.01
C GLY B 63 20.75 -6.76 2.76
N ASN B 64 20.29 -5.67 2.15
CA ASN B 64 18.89 -5.62 1.73
C ASN B 64 18.63 -4.97 0.37
N ALA B 65 19.67 -4.84 -0.44
CA ALA B 65 19.47 -4.44 -1.82
C ALA B 65 18.76 -5.53 -2.63
N HIS B 66 18.83 -6.79 -2.16
CA HIS B 66 18.06 -7.89 -2.75
C HIS B 66 16.52 -7.73 -2.62
N VAL B 67 16.08 -7.08 -1.55
CA VAL B 67 14.67 -6.73 -1.36
C VAL B 67 14.32 -5.64 -2.34
N THR B 68 15.26 -4.73 -2.66
CA THR B 68 15.00 -3.64 -3.65
C THR B 68 14.79 -4.18 -5.06
N ILE B 69 15.69 -5.05 -5.49
CA ILE B 69 15.63 -5.61 -6.82
C ILE B 69 14.43 -6.55 -6.93
N ALA B 70 14.06 -7.16 -5.81
CA ALA B 70 12.93 -8.05 -5.84
C ALA B 70 11.66 -7.26 -6.13
N ALA B 71 11.54 -6.13 -5.46
CA ALA B 71 10.41 -5.25 -5.67
C ALA B 71 10.37 -4.66 -7.06
N LEU B 72 11.51 -4.20 -7.57
CA LEU B 72 11.53 -3.66 -8.91
C LEU B 72 11.24 -4.74 -9.98
N ILE B 73 11.68 -5.96 -9.75
CA ILE B 73 11.32 -7.09 -10.62
C ILE B 73 9.80 -7.29 -10.71
N GLU B 74 9.13 -7.20 -9.57
CA GLU B 74 7.70 -7.38 -9.53
C GLU B 74 7.06 -6.23 -10.24
N PHE B 75 7.65 -5.07 -10.09
CA PHE B 75 7.18 -3.91 -10.85
C PHE B 75 7.31 -4.08 -12.38
N ILE B 76 8.43 -4.65 -12.86
CA ILE B 76 8.59 -4.89 -14.29
C ILE B 76 7.51 -5.83 -14.79
N HIS B 77 7.30 -6.90 -14.04
CA HIS B 77 6.31 -7.91 -14.36
C HIS B 77 4.92 -7.29 -14.38
N THR B 78 4.70 -6.34 -13.47
CA THR B 78 3.47 -5.61 -13.40
C THR B 78 3.26 -4.78 -14.68
N ALA B 79 4.33 -4.15 -15.15
CA ALA B 79 4.24 -3.32 -16.35
C ALA B 79 4.00 -4.16 -17.57
N THR B 80 4.65 -5.30 -17.60
CA THR B 80 4.41 -6.22 -18.72
C THR B 80 2.97 -6.76 -18.69
N LEU B 81 2.44 -7.01 -17.49
CA LEU B 81 1.04 -7.44 -17.30
C LEU B 81 0.10 -6.45 -17.90
N LEU B 82 0.21 -5.20 -17.45
CA LEU B 82 -0.72 -4.17 -17.89
C LEU B 82 -0.66 -4.00 -19.40
N HIS B 83 0.53 -4.10 -19.97
CA HIS B 83 0.68 -3.99 -21.43
C HIS B 83 0.16 -5.23 -22.13
N ASP B 84 0.35 -6.42 -21.55
CA ASP B 84 -0.20 -7.65 -22.13
C ASP B 84 -1.73 -7.58 -22.27
N ASP B 85 -2.42 -7.18 -21.21
CA ASP B 85 -3.89 -7.14 -21.24
C ASP B 85 -4.45 -6.13 -22.23
N VAL B 86 -3.79 -5.00 -22.40
CA VAL B 86 -4.20 -4.06 -23.44
C VAL B 86 -4.05 -4.68 -24.82
N VAL B 87 -2.89 -5.27 -25.04
CA VAL B 87 -2.51 -5.89 -26.30
C VAL B 87 -3.40 -7.09 -26.68
N ASP B 88 -3.67 -7.97 -25.71
CA ASP B 88 -4.56 -9.11 -25.94
C ASP B 88 -6.05 -8.81 -25.74
N GLU B 89 -6.38 -7.57 -25.40
CA GLU B 89 -7.77 -7.16 -25.18
C GLU B 89 -8.47 -8.04 -24.17
N SER B 90 -7.77 -8.33 -23.08
CA SER B 90 -8.31 -9.19 -22.06
C SER B 90 -9.13 -8.31 -21.10
N ASP B 91 -10.28 -8.81 -20.67
CA ASP B 91 -11.15 -8.11 -19.72
C ASP B 91 -10.98 -8.68 -18.33
N MET B 92 -10.35 -9.84 -18.22
CA MET B 92 -10.35 -10.61 -16.99
C MET B 92 -8.97 -11.21 -16.78
N ARG B 93 -8.53 -11.25 -15.53
CA ARG B 93 -7.27 -11.87 -15.17
C ARG B 93 -7.47 -12.42 -13.78
N ARG B 94 -7.26 -13.72 -13.64
CA ARG B 94 -7.53 -14.44 -12.39
C ARG B 94 -8.89 -14.06 -11.83
N GLY B 95 -9.89 -14.15 -12.70
CA GLY B 95 -11.28 -13.94 -12.32
C GLY B 95 -11.70 -12.53 -12.00
N LYS B 96 -10.76 -11.60 -11.91
CA LYS B 96 -11.13 -10.21 -11.71
C LYS B 96 -10.88 -9.43 -12.98
N ALA B 97 -11.59 -8.32 -13.13
CA ALA B 97 -11.37 -7.37 -14.20
C ALA B 97 -9.89 -7.01 -14.28
N THR B 98 -9.41 -6.90 -15.51
CA THR B 98 -8.08 -6.39 -15.80
C THR B 98 -8.02 -4.87 -15.56
N ALA B 99 -6.80 -4.35 -15.45
CA ALA B 99 -6.61 -2.91 -15.28
C ALA B 99 -7.25 -2.14 -16.42
N ASN B 100 -7.22 -2.69 -17.62
CA ASN B 100 -7.81 -1.99 -18.76
C ASN B 100 -9.35 -2.03 -18.85
N ALA B 101 -9.98 -3.11 -18.40
CA ALA B 101 -11.45 -3.12 -18.32
C ALA B 101 -11.94 -2.09 -17.29
N ALA B 102 -11.20 -1.91 -16.20
CA ALA B 102 -11.65 -1.08 -15.08
C ALA B 102 -11.21 0.38 -15.21
N PHE B 103 -10.02 0.63 -15.72
CA PHE B 103 -9.56 2.00 -15.91
C PHE B 103 -9.47 2.53 -17.33
N GLY B 104 -9.42 1.61 -18.30
CA GLY B 104 -9.24 1.96 -19.71
C GLY B 104 -7.84 1.64 -20.24
N ASN B 105 -7.73 1.58 -21.57
CA ASN B 105 -6.52 1.08 -22.23
C ASN B 105 -5.39 2.07 -22.00
N ALA B 106 -5.70 3.35 -22.14
CA ALA B 106 -4.69 4.39 -22.06
C ALA B 106 -4.11 4.49 -20.66
N ALA B 107 -4.97 4.33 -19.66
CA ALA B 107 -4.53 4.36 -18.28
C ALA B 107 -3.63 3.19 -17.94
N SER B 108 -3.89 2.04 -18.55
CA SER B 108 -3.06 0.85 -18.29
C SER B 108 -1.69 0.98 -18.91
N VAL B 109 -1.63 1.48 -20.14
CA VAL B 109 -0.36 1.63 -20.82
C VAL B 109 0.50 2.62 -20.04
N LEU B 110 -0.07 3.78 -19.75
CA LEU B 110 0.69 4.89 -19.23
C LEU B 110 1.09 4.65 -17.78
N VAL B 111 0.21 4.06 -16.99
CA VAL B 111 0.59 3.68 -15.62
C VAL B 111 1.64 2.59 -15.65
N GLY B 112 1.55 1.72 -16.65
CA GLY B 112 2.58 0.73 -16.88
C GLY B 112 3.91 1.33 -17.21
N ASP B 113 3.91 2.36 -18.05
CA ASP B 113 5.13 3.12 -18.36
C ASP B 113 5.73 3.74 -17.08
N PHE B 114 4.85 4.30 -16.26
CA PHE B 114 5.32 4.93 -15.05
C PHE B 114 5.98 3.90 -14.17
N ILE B 115 5.27 2.80 -13.97
CA ILE B 115 5.77 1.72 -13.12
C ILE B 115 7.10 1.21 -13.65
N TYR B 116 7.20 0.96 -14.96
CA TYR B 116 8.47 0.45 -15.50
C TYR B 116 9.62 1.45 -15.28
N THR B 117 9.39 2.72 -15.59
CA THR B 117 10.43 3.71 -15.45
C THR B 117 10.85 3.82 -13.99
N ARG B 118 9.91 3.65 -13.07
CA ARG B 118 10.24 3.69 -11.65
C ARG B 118 11.11 2.49 -11.26
N ALA B 119 10.84 1.31 -11.81
CA ALA B 119 11.74 0.17 -11.62
C ALA B 119 13.13 0.42 -12.16
N PHE B 120 13.19 1.21 -13.21
CA PHE B 120 14.48 1.53 -13.74
C PHE B 120 15.24 2.44 -12.81
N GLN B 121 14.54 3.41 -12.23
CA GLN B 121 15.15 4.30 -11.24
C GLN B 121 15.68 3.52 -10.03
N MET B 122 14.83 2.64 -9.49
CA MET B 122 15.24 1.75 -8.43
C MET B 122 16.42 0.86 -8.88
N MET B 123 16.44 0.45 -10.13
CA MET B 123 17.53 -0.37 -10.57
C MET B 123 18.85 0.41 -10.67
N THR B 124 18.81 1.67 -11.09
CA THR B 124 20.02 2.48 -11.19
C THR B 124 20.53 2.92 -9.83
N SER B 125 19.65 2.95 -8.83
CA SER B 125 20.04 3.28 -7.46
C SER B 125 20.80 2.17 -6.77
N LEU B 126 20.76 0.96 -7.32
CA LEU B 126 21.59 -0.15 -6.84
C LEU B 126 23.03 -0.06 -7.29
N GLY B 127 23.31 0.76 -8.29
CA GLY B 127 24.70 1.09 -8.67
C GLY B 127 25.44 0.07 -9.55
N SER B 128 24.76 -0.96 -10.05
CA SER B 128 25.45 -2.01 -10.81
C SER B 128 25.10 -1.90 -12.30
N LEU B 129 26.09 -1.46 -13.07
CA LEU B 129 25.92 -1.29 -14.50
C LEU B 129 25.57 -2.63 -15.19
N LYS B 130 26.21 -3.70 -14.74
CA LYS B 130 25.95 -5.00 -15.30
C LYS B 130 24.52 -5.48 -15.03
N VAL B 131 23.96 -5.19 -13.85
CA VAL B 131 22.57 -5.54 -13.60
C VAL B 131 21.70 -4.78 -14.55
N LEU B 132 21.95 -3.48 -14.67
CA LEU B 132 21.22 -2.64 -15.63
C LEU B 132 21.26 -3.21 -17.05
N GLU B 133 22.46 -3.53 -17.47
CA GLU B 133 22.73 -4.10 -18.77
C GLU B 133 21.93 -5.39 -18.98
N VAL B 134 22.08 -6.34 -18.09
CA VAL B 134 21.44 -7.64 -18.28
C VAL B 134 19.92 -7.52 -18.25
N MET B 135 19.41 -6.81 -17.28
CA MET B 135 17.99 -6.68 -17.12
C MET B 135 17.38 -5.99 -18.34
N SER B 136 17.98 -4.86 -18.71
CA SER B 136 17.45 -4.03 -19.77
C SER B 136 17.35 -4.76 -21.10
N GLU B 137 18.30 -5.63 -21.39
CA GLU B 137 18.24 -6.46 -22.58
C GLU B 137 17.09 -7.44 -22.55
N ALA B 138 16.95 -8.11 -21.41
CA ALA B 138 15.86 -9.06 -21.22
C ALA B 138 14.49 -8.44 -21.51
N VAL B 139 14.31 -7.21 -21.06
CA VAL B 139 13.04 -6.58 -21.17
C VAL B 139 12.86 -6.14 -22.62
N ASN B 140 13.93 -5.65 -23.25
CA ASN B 140 13.83 -5.26 -24.67
C ASN B 140 13.53 -6.45 -25.58
N VAL B 141 14.22 -7.54 -25.32
CA VAL B 141 13.99 -8.78 -26.03
C VAL B 141 12.56 -9.31 -25.91
N ILE B 142 11.97 -9.22 -24.73
CA ILE B 142 10.61 -9.68 -24.61
C ILE B 142 9.74 -8.79 -25.47
N ALA B 143 10.00 -7.49 -25.46
CA ALA B 143 9.21 -6.55 -26.23
C ALA B 143 9.33 -6.79 -27.72
N GLU B 144 10.50 -7.20 -28.19
CA GLU B 144 10.76 -7.50 -29.59
C GLU B 144 10.00 -8.73 -30.06
N GLY B 145 9.97 -9.75 -29.22
CA GLY B 145 9.23 -10.98 -29.53
C GLY B 145 7.74 -10.71 -29.66
N GLU B 146 7.21 -9.84 -28.81
CA GLU B 146 5.81 -9.45 -28.88
C GLU B 146 5.50 -8.69 -30.15
N VAL B 147 6.44 -7.86 -30.61
CA VAL B 147 6.28 -7.14 -31.87
C VAL B 147 6.32 -8.11 -33.07
N LEU B 148 7.32 -8.99 -33.06
CA LEU B 148 7.43 -10.12 -34.00
C LEU B 148 6.13 -10.90 -34.21
N GLN B 149 5.42 -11.15 -33.10
CA GLN B 149 4.18 -11.94 -33.09
C GLN B 149 3.03 -11.24 -33.77
N LEU B 150 2.92 -9.94 -33.52
CA LEU B 150 1.99 -9.11 -34.24
C LEU B 150 2.08 -9.29 -35.76
N MET B 151 3.28 -9.11 -36.31
CA MET B 151 3.44 -8.89 -37.75
C MET B 151 3.53 -10.20 -38.50
N ASN B 152 4.45 -11.04 -38.08
CA ASN B 152 4.59 -12.33 -38.67
C ASN B 152 3.38 -13.15 -38.30
N VAL B 153 2.93 -14.00 -39.23
CA VAL B 153 1.99 -15.08 -38.90
C VAL B 153 2.90 -16.21 -38.42
N ASN B 154 2.58 -16.88 -37.32
CA ASN B 154 3.52 -17.93 -36.92
C ASN B 154 3.08 -19.36 -37.10
N ASP B 155 4.12 -20.14 -37.32
CA ASP B 155 4.12 -21.48 -37.83
C ASP B 155 3.39 -22.41 -36.85
N PRO B 156 2.27 -22.99 -37.26
CA PRO B 156 1.84 -24.21 -36.56
C PRO B 156 2.83 -25.37 -36.76
N ASP B 157 3.72 -25.21 -37.75
CA ASP B 157 4.73 -26.21 -38.07
C ASP B 157 6.10 -25.89 -37.48
N ILE B 158 6.11 -25.14 -36.38
CA ILE B 158 7.35 -24.90 -35.67
C ILE B 158 7.78 -26.24 -35.10
N THR B 159 9.08 -26.45 -35.05
CA THR B 159 9.66 -27.64 -34.50
C THR B 159 9.65 -27.48 -32.97
N GLU B 160 9.40 -28.55 -32.23
CA GLU B 160 9.47 -28.52 -30.76
C GLU B 160 10.72 -27.78 -30.24
N GLU B 161 11.90 -28.12 -30.76
CA GLU B 161 13.12 -27.48 -30.30
C GLU B 161 13.16 -25.95 -30.54
N ASN B 162 12.67 -25.50 -31.70
CA ASN B 162 12.64 -24.09 -32.02
C ASN B 162 11.58 -23.40 -31.15
N TYR B 163 10.49 -24.09 -30.85
CA TYR B 163 9.50 -23.54 -29.94
C TYR B 163 10.07 -23.26 -28.52
N MET B 164 10.82 -24.23 -27.97
CA MET B 164 11.50 -24.06 -26.66
C MET B 164 12.58 -22.98 -26.74
N ARG B 165 13.17 -22.81 -27.92
CA ARG B 165 14.20 -21.83 -28.17
C ARG B 165 13.67 -20.41 -28.04
N VAL B 166 12.43 -20.18 -28.44
CA VAL B 166 11.89 -18.84 -28.28
C VAL B 166 11.68 -18.52 -26.80
N ILE B 167 11.29 -19.53 -26.02
CA ILE B 167 11.16 -19.37 -24.57
C ILE B 167 12.50 -19.04 -23.89
N TYR B 168 13.52 -19.84 -24.20
CA TYR B 168 14.86 -19.72 -23.60
C TYR B 168 15.49 -18.37 -23.86
N SER B 169 15.34 -17.92 -25.11
CA SER B 169 15.96 -16.70 -25.61
C SER B 169 15.04 -15.46 -25.48
N LYS B 170 13.74 -15.65 -25.26
CA LYS B 170 12.83 -14.51 -25.09
C LYS B 170 11.87 -14.60 -23.88
N THR B 171 10.85 -15.45 -23.93
CA THR B 171 9.75 -15.25 -22.99
C THR B 171 10.11 -15.62 -21.53
N ALA B 172 11.18 -16.38 -21.33
CA ALA B 172 11.62 -16.73 -19.98
C ALA B 172 12.69 -15.78 -19.43
N ARG B 173 13.07 -14.77 -20.22
CA ARG B 173 14.23 -13.94 -19.88
C ARG B 173 14.10 -13.13 -18.58
N LEU B 174 12.88 -12.76 -18.20
CA LEU B 174 12.66 -12.05 -16.94
C LEU B 174 12.97 -12.96 -15.73
N PHE B 175 12.57 -14.22 -15.80
CA PHE B 175 12.90 -15.19 -14.74
C PHE B 175 14.38 -15.39 -14.70
N GLU B 176 14.95 -15.54 -15.89
CA GLU B 176 16.38 -15.73 -16.00
C GLU B 176 17.13 -14.60 -15.36
N ALA B 177 16.76 -13.38 -15.71
CA ALA B 177 17.42 -12.18 -15.23
C ALA B 177 17.16 -11.94 -13.73
N ALA B 178 15.97 -12.28 -13.24
CA ALA B 178 15.62 -12.10 -11.84
C ALA B 178 16.62 -12.82 -10.97
N ALA B 179 16.96 -14.02 -11.42
CA ALA B 179 17.84 -14.89 -10.69
C ALA B 179 19.31 -14.48 -10.84
N GLN B 180 19.70 -14.19 -12.07
CA GLN B 180 21.07 -13.84 -12.36
C GLN B 180 21.48 -12.50 -11.74
N CYS B 181 20.62 -11.49 -11.86
CA CYS B 181 20.95 -10.14 -11.42
C CYS B 181 21.04 -10.08 -9.91
N SER B 182 20.25 -10.90 -9.24
CA SER B 182 20.32 -11.03 -7.81
C SER B 182 21.68 -11.61 -7.38
N GLY B 183 22.15 -12.64 -8.07
CA GLY B 183 23.51 -13.12 -7.90
C GLY B 183 24.58 -12.05 -8.12
N ILE B 184 24.47 -11.31 -9.23
CA ILE B 184 25.44 -10.24 -9.57
C ILE B 184 25.56 -9.19 -8.45
N LEU B 185 24.41 -8.84 -7.90
CA LEU B 185 24.27 -7.81 -6.90
C LEU B 185 24.91 -8.21 -5.58
N ALA B 186 24.86 -9.52 -5.30
CA ALA B 186 25.52 -10.11 -4.18
C ALA B 186 27.00 -10.46 -4.47
N GLY B 187 27.48 -10.14 -5.66
CA GLY B 187 28.91 -10.32 -6.00
C GLY B 187 29.31 -11.78 -5.95
N CYS B 188 28.43 -12.64 -6.48
CA CYS B 188 28.63 -14.06 -6.52
C CYS B 188 29.67 -14.35 -7.59
N THR B 189 30.13 -15.60 -7.52
CA THR B 189 31.07 -16.23 -8.44
C THR B 189 30.47 -16.30 -9.85
N PRO B 190 31.32 -16.21 -10.89
CA PRO B 190 30.78 -16.41 -12.25
C PRO B 190 30.14 -17.77 -12.45
N GLU B 191 30.71 -18.78 -11.81
CA GLU B 191 30.09 -20.11 -11.76
C GLU B 191 28.71 -20.10 -11.08
N GLU B 192 28.56 -19.37 -9.98
CA GLU B 192 27.29 -19.21 -9.28
C GLU B 192 26.29 -18.39 -10.10
N GLU B 193 26.78 -17.42 -10.84
CA GLU B 193 25.96 -16.55 -11.66
C GLU B 193 25.34 -17.33 -12.80
N LYS B 194 26.14 -18.17 -13.43
CA LYS B 194 25.69 -19.09 -14.46
C LYS B 194 24.73 -20.15 -13.92
N GLY B 195 24.92 -20.56 -12.67
CA GLY B 195 23.98 -21.45 -12.04
C GLY B 195 22.62 -20.83 -11.88
N LEU B 196 22.61 -19.61 -11.34
CA LEU B 196 21.36 -18.92 -11.05
C LEU B 196 20.73 -18.48 -12.37
N GLN B 197 21.54 -18.07 -13.34
CA GLN B 197 21.02 -17.69 -14.64
C GLN B 197 20.32 -18.90 -15.30
N ASP B 198 20.98 -20.05 -15.34
CA ASP B 198 20.37 -21.22 -15.96
C ASP B 198 19.12 -21.66 -15.21
N TYR B 199 19.19 -21.58 -13.89
CA TYR B 199 18.07 -21.98 -13.07
C TYR B 199 16.87 -21.11 -13.40
N GLY B 200 17.10 -19.80 -13.44
CA GLY B 200 16.06 -18.84 -13.80
C GLY B 200 15.42 -19.15 -15.15
N ARG B 201 16.24 -19.45 -16.15
CA ARG B 201 15.74 -19.71 -17.48
C ARG B 201 14.89 -20.99 -17.47
N TYR B 202 15.43 -22.06 -16.88
CA TYR B 202 14.71 -23.34 -16.87
C TYR B 202 13.43 -23.36 -16.07
N LEU B 203 13.40 -22.65 -14.96
CA LEU B 203 12.20 -22.60 -14.13
C LEU B 203 11.14 -21.76 -14.81
N GLY B 204 11.54 -20.63 -15.36
CA GLY B 204 10.59 -19.76 -16.06
C GLY B 204 10.02 -20.46 -17.27
N THR B 205 10.85 -21.25 -17.95
CA THR B 205 10.38 -22.18 -18.97
C THR B 205 9.35 -23.16 -18.41
N ALA B 206 9.72 -23.86 -17.35
CA ALA B 206 8.81 -24.77 -16.69
C ALA B 206 7.54 -24.03 -16.34
N PHE B 207 7.69 -22.89 -15.73
CA PHE B 207 6.53 -22.10 -15.34
C PHE B 207 5.62 -21.85 -16.55
N GLN B 208 6.21 -21.54 -17.70
CA GLN B 208 5.43 -21.18 -18.86
C GLN B 208 4.63 -22.35 -19.41
N LEU B 209 5.27 -23.51 -19.50
CA LEU B 209 4.56 -24.70 -19.94
C LEU B 209 3.39 -25.06 -19.04
N ILE B 210 3.60 -25.00 -17.72
CA ILE B 210 2.54 -25.30 -16.75
C ILE B 210 1.36 -24.34 -16.91
N ASP B 211 1.66 -23.12 -17.29
CA ASP B 211 0.68 -22.06 -17.42
C ASP B 211 -0.25 -22.29 -18.61
N ASP B 212 0.22 -23.07 -19.59
CA ASP B 212 -0.58 -23.43 -20.76
C ASP B 212 -1.47 -24.67 -20.55
N LEU B 213 -1.54 -25.18 -19.31
CA LEU B 213 -2.39 -26.30 -18.95
C LEU B 213 -3.70 -25.78 -18.39
N LEU B 214 -4.57 -26.70 -17.99
CA LEU B 214 -5.86 -26.34 -17.40
C LEU B 214 -5.77 -26.38 -15.89
N ASP B 215 -6.23 -25.30 -15.27
CA ASP B 215 -6.33 -25.18 -13.82
C ASP B 215 -7.76 -25.53 -13.46
N TYR B 216 -7.95 -26.56 -12.64
CA TYR B 216 -9.30 -27.00 -12.27
C TYR B 216 -9.77 -26.47 -10.90
N LYS B 225 -9.66 -21.86 -21.87
CA LYS B 225 -9.88 -20.76 -20.93
C LYS B 225 -8.72 -19.73 -21.06
N ASN B 226 -7.53 -20.14 -20.66
CA ASN B 226 -6.25 -19.64 -21.21
C ASN B 226 -5.97 -20.17 -22.64
N VAL B 227 -6.43 -21.40 -22.91
CA VAL B 227 -6.34 -22.03 -24.24
C VAL B 227 -7.25 -21.28 -25.23
N GLY B 228 -8.37 -20.78 -24.74
CA GLY B 228 -9.27 -19.96 -25.56
C GLY B 228 -8.68 -18.61 -25.91
N ASP B 229 -7.84 -18.08 -25.01
CA ASP B 229 -7.03 -16.88 -25.30
C ASP B 229 -5.99 -17.18 -26.40
N ASP B 230 -5.32 -18.34 -26.29
CA ASP B 230 -4.27 -18.73 -27.24
C ASP B 230 -4.94 -18.99 -28.61
N LEU B 231 -6.19 -19.44 -28.58
CA LEU B 231 -6.95 -19.64 -29.80
C LEU B 231 -7.36 -18.30 -30.49
N ASN B 232 -7.76 -17.32 -29.68
CA ASN B 232 -8.13 -15.97 -30.14
C ASN B 232 -6.94 -15.24 -30.72
N GLU B 233 -5.79 -15.39 -30.06
CA GLU B 233 -4.60 -14.65 -30.41
C GLU B 233 -3.76 -15.32 -31.51
N GLY B 234 -4.06 -16.57 -31.85
CA GLY B 234 -3.30 -17.29 -32.87
C GLY B 234 -1.91 -17.57 -32.37
N LYS B 235 -1.86 -18.15 -31.17
CA LYS B 235 -0.63 -18.38 -30.44
C LYS B 235 -0.44 -19.89 -30.26
N PRO B 236 0.70 -20.44 -30.68
CA PRO B 236 0.96 -21.87 -30.44
C PRO B 236 1.48 -22.09 -29.04
N THR B 237 1.08 -23.22 -28.44
CA THR B 237 1.62 -23.66 -27.18
C THR B 237 1.92 -25.16 -27.32
N LEU B 238 2.60 -25.73 -26.35
CA LEU B 238 2.93 -27.16 -26.45
C LEU B 238 1.72 -28.09 -26.50
N PRO B 239 0.70 -27.85 -25.66
CA PRO B 239 -0.48 -28.70 -25.73
C PRO B 239 -1.18 -28.63 -27.09
N LEU B 240 -1.23 -27.44 -27.64
CA LEU B 240 -1.94 -27.16 -28.89
C LEU B 240 -1.21 -27.85 -30.04
N LEU B 241 0.11 -27.69 -30.10
CA LEU B 241 0.92 -28.34 -31.14
C LEU B 241 0.90 -29.88 -31.03
N HIS B 242 1.02 -30.38 -29.80
CA HIS B 242 0.86 -31.79 -29.57
C HIS B 242 -0.50 -32.39 -30.05
N ALA B 243 -1.59 -31.73 -29.69
CA ALA B 243 -2.94 -32.17 -30.08
C ALA B 243 -3.13 -32.09 -31.59
N MET B 244 -2.47 -31.14 -32.23
CA MET B 244 -2.45 -31.05 -33.66
C MET B 244 -1.71 -32.23 -34.34
N HIS B 245 -0.71 -32.79 -33.69
CA HIS B 245 0.13 -33.84 -34.28
C HIS B 245 -0.32 -35.26 -33.94
N HIS B 246 -1.21 -35.38 -32.98
CA HIS B 246 -1.64 -36.68 -32.46
C HIS B 246 -3.14 -36.87 -32.54
N GLY B 247 -3.88 -35.82 -32.90
CA GLY B 247 -5.32 -35.90 -33.06
C GLY B 247 -5.73 -36.38 -34.44
N THR B 248 -7.04 -36.39 -34.63
CA THR B 248 -7.61 -36.81 -35.90
C THR B 248 -7.17 -35.76 -36.89
N PRO B 249 -7.20 -36.10 -38.19
CA PRO B 249 -6.74 -35.12 -39.17
C PRO B 249 -7.70 -33.94 -39.31
N GLU B 250 -8.98 -34.11 -38.94
CA GLU B 250 -9.89 -32.97 -38.86
C GLU B 250 -9.46 -32.07 -37.71
N GLN B 251 -9.06 -32.67 -36.60
CA GLN B 251 -8.59 -31.96 -35.41
C GLN B 251 -7.33 -31.16 -35.71
N ALA B 252 -6.45 -31.72 -36.54
CA ALA B 252 -5.21 -31.04 -36.87
C ALA B 252 -5.45 -29.83 -37.74
N GLN B 253 -6.30 -29.98 -38.76
CA GLN B 253 -6.59 -28.88 -39.71
C GLN B 253 -7.22 -27.71 -38.94
N MET B 254 -8.15 -28.04 -38.04
CA MET B 254 -8.79 -27.08 -37.15
C MET B 254 -7.76 -26.28 -36.38
N ILE B 255 -6.92 -26.99 -35.63
CA ILE B 255 -5.97 -26.36 -34.73
C ILE B 255 -4.94 -25.56 -35.55
N ARG B 256 -4.45 -26.13 -36.64
CA ARG B 256 -3.49 -25.46 -37.51
C ARG B 256 -3.96 -24.10 -38.02
N THR B 257 -5.21 -23.98 -38.46
CA THR B 257 -5.67 -22.71 -39.06
C THR B 257 -6.08 -21.71 -37.96
N ALA B 258 -6.51 -22.21 -36.79
CA ALA B 258 -6.74 -21.36 -35.63
C ALA B 258 -5.44 -20.74 -35.11
N ILE B 259 -4.38 -21.53 -35.03
CA ILE B 259 -3.07 -20.99 -34.69
C ILE B 259 -2.61 -19.90 -35.67
N GLU B 260 -2.79 -20.16 -36.97
CA GLU B 260 -2.36 -19.24 -38.04
C GLU B 260 -3.17 -17.97 -38.06
N GLN B 261 -4.48 -18.13 -38.01
CA GLN B 261 -5.42 -17.04 -38.28
C GLN B 261 -5.90 -16.31 -37.03
N GLY B 262 -5.74 -16.92 -35.85
CA GLY B 262 -6.43 -16.45 -34.64
C GLY B 262 -7.94 -16.48 -34.75
N ASN B 263 -8.60 -15.70 -33.88
CA ASN B 263 -10.06 -15.57 -33.79
C ASN B 263 -10.74 -16.89 -33.61
N GLY B 264 -10.05 -17.82 -32.96
CA GLY B 264 -10.51 -19.20 -32.84
C GLY B 264 -11.11 -19.62 -31.50
N ARG B 265 -11.40 -18.67 -30.61
CA ARG B 265 -11.90 -18.98 -29.26
C ARG B 265 -13.20 -19.85 -29.23
N HIS B 266 -14.00 -19.71 -30.28
CA HIS B 266 -15.24 -20.47 -30.40
C HIS B 266 -14.98 -21.98 -30.53
N LEU B 267 -13.77 -22.34 -30.95
CA LEU B 267 -13.35 -23.73 -31.04
C LEU B 267 -12.82 -24.39 -29.73
N LEU B 268 -12.94 -23.75 -28.59
CA LEU B 268 -12.34 -24.28 -27.39
C LEU B 268 -12.75 -25.73 -27.04
N GLU B 269 -14.04 -26.02 -26.95
CA GLU B 269 -14.50 -27.33 -26.45
C GLU B 269 -13.99 -28.54 -27.27
N PRO B 270 -13.99 -28.45 -28.61
CA PRO B 270 -13.37 -29.41 -29.52
C PRO B 270 -11.87 -29.55 -29.42
N VAL B 271 -11.18 -28.45 -29.15
CA VAL B 271 -9.72 -28.46 -28.97
C VAL B 271 -9.33 -29.13 -27.65
N LEU B 272 -10.01 -28.76 -26.57
CA LEU B 272 -9.87 -29.46 -25.30
C LEU B 272 -10.14 -30.95 -25.40
N GLU B 273 -11.18 -31.33 -26.15
CA GLU B 273 -11.48 -32.75 -26.36
C GLU B 273 -10.32 -33.44 -27.09
N ALA B 274 -9.74 -32.75 -28.06
CA ALA B 274 -8.65 -33.30 -28.82
C ALA B 274 -7.42 -33.44 -27.93
N MET B 275 -7.18 -32.43 -27.09
CA MET B 275 -6.03 -32.48 -26.17
C MET B 275 -6.18 -33.62 -25.20
N ASN B 276 -7.37 -33.72 -24.60
CA ASN B 276 -7.63 -34.72 -23.58
C ASN B 276 -7.59 -36.15 -24.09
N ALA B 277 -7.99 -36.34 -25.34
CA ALA B 277 -7.90 -37.65 -25.98
C ALA B 277 -6.45 -38.01 -26.32
N CYS B 278 -5.69 -37.06 -26.89
CA CYS B 278 -4.31 -37.26 -27.26
C CYS B 278 -3.35 -37.27 -26.06
N GLY B 279 -3.84 -36.90 -24.88
CA GLY B 279 -3.02 -36.75 -23.69
C GLY B 279 -1.94 -35.68 -23.81
N SER B 280 -2.34 -34.51 -24.32
CA SER B 280 -1.41 -33.41 -24.60
C SER B 280 -1.03 -32.63 -23.33
N LEU B 281 -1.94 -32.59 -22.38
CA LEU B 281 -1.73 -31.86 -21.18
C LEU B 281 -0.73 -32.60 -20.30
N GLU B 282 -0.88 -33.92 -20.17
CA GLU B 282 0.08 -34.71 -19.43
C GLU B 282 1.44 -34.73 -20.14
N TRP B 283 1.43 -34.71 -21.46
CA TRP B 283 2.67 -34.64 -22.18
C TRP B 283 3.42 -33.31 -21.98
N THR B 284 2.67 -32.23 -21.90
CA THR B 284 3.28 -30.93 -21.70
C THR B 284 3.73 -30.78 -20.26
N ARG B 285 2.98 -31.39 -19.35
CA ARG B 285 3.34 -31.37 -17.93
C ARG B 285 4.62 -32.13 -17.68
N GLN B 286 4.85 -33.16 -18.49
CA GLN B 286 6.02 -34.02 -18.31
C GLN B 286 7.22 -33.24 -18.78
N ARG B 287 7.06 -32.63 -19.95
CA ARG B 287 8.06 -31.74 -20.53
C ARG B 287 8.44 -30.60 -19.57
N ALA B 288 7.45 -30.00 -18.94
CA ALA B 288 7.68 -28.97 -17.92
C ALA B 288 8.44 -29.56 -16.74
N GLU B 289 8.10 -30.79 -16.39
CA GLU B 289 8.81 -31.51 -15.33
C GLU B 289 10.33 -31.63 -15.62
N GLU B 290 10.69 -31.84 -16.86
CA GLU B 290 12.07 -31.96 -17.20
C GLU B 290 12.80 -30.62 -17.34
N GLU B 291 12.07 -29.53 -17.45
CA GLU B 291 12.71 -28.24 -17.43
C GLU B 291 12.98 -27.87 -15.99
N ALA B 292 12.17 -28.37 -15.09
CA ALA B 292 12.34 -28.16 -13.68
C ALA B 292 13.57 -28.89 -13.16
N ASP B 293 13.76 -30.12 -13.59
CA ASP B 293 14.96 -30.88 -13.25
C ASP B 293 16.23 -30.25 -13.79
N LYS B 294 16.12 -29.65 -14.95
CA LYS B 294 17.26 -28.93 -15.52
C LYS B 294 17.66 -27.69 -14.70
N ALA B 295 16.68 -27.10 -14.02
CA ALA B 295 16.87 -25.93 -13.20
C ALA B 295 17.47 -26.33 -11.88
N ILE B 296 17.07 -27.50 -11.40
CA ILE B 296 17.55 -28.01 -10.14
C ILE B 296 18.98 -28.51 -10.34
N ALA B 297 19.26 -29.09 -11.50
CA ALA B 297 20.64 -29.41 -11.84
C ALA B 297 21.56 -28.21 -11.82
N ALA B 298 21.07 -27.07 -12.31
CA ALA B 298 21.87 -25.87 -12.34
C ALA B 298 22.32 -25.37 -10.98
N LEU B 299 21.54 -25.67 -9.95
CA LEU B 299 21.80 -25.10 -8.63
C LEU B 299 22.86 -25.86 -7.88
N GLN B 300 23.26 -27.01 -8.40
CA GLN B 300 24.21 -27.89 -7.68
C GLN B 300 25.57 -27.22 -7.51
N VAL B 301 25.80 -26.20 -8.32
CA VAL B 301 27.00 -25.37 -8.25
C VAL B 301 27.01 -24.41 -7.03
N LEU B 302 25.83 -24.14 -6.46
CA LEU B 302 25.72 -23.35 -5.25
C LEU B 302 25.99 -24.16 -3.98
N PRO B 303 26.27 -23.46 -2.85
CA PRO B 303 26.40 -24.08 -1.52
C PRO B 303 25.14 -24.77 -1.08
N ASP B 304 25.29 -25.87 -0.35
CA ASP B 304 24.14 -26.49 0.29
C ASP B 304 23.73 -25.54 1.39
N THR B 305 22.65 -24.80 1.13
CA THR B 305 21.99 -23.95 2.10
C THR B 305 20.53 -24.29 2.08
N PRO B 306 19.79 -23.88 3.11
CA PRO B 306 18.32 -23.89 3.10
C PRO B 306 17.70 -23.00 2.02
N TRP B 307 18.42 -21.96 1.60
CA TRP B 307 17.97 -21.07 0.53
C TRP B 307 17.98 -21.85 -0.79
N ARG B 308 19.04 -22.62 -1.02
CA ARG B 308 19.12 -23.45 -2.18
C ARG B 308 18.04 -24.55 -2.16
N GLU B 309 17.81 -25.15 -1.01
CA GLU B 309 16.67 -26.06 -0.84
C GLU B 309 15.31 -25.44 -1.20
N ALA B 310 15.14 -24.15 -0.90
CA ALA B 310 13.91 -23.46 -1.24
C ALA B 310 13.76 -23.22 -2.77
N LEU B 311 14.86 -22.89 -3.41
CA LEU B 311 14.90 -22.73 -4.85
C LEU B 311 14.55 -24.04 -5.55
N ILE B 312 15.09 -25.15 -5.04
CA ILE B 312 14.75 -26.51 -5.54
C ILE B 312 13.32 -26.79 -5.22
N GLY B 313 12.90 -26.33 -4.05
CA GLY B 313 11.52 -26.49 -3.69
C GLY B 313 10.52 -25.89 -4.66
N LEU B 314 10.78 -24.67 -5.09
CA LEU B 314 9.88 -23.98 -6.03
C LEU B 314 9.81 -24.67 -7.37
N ALA B 315 10.96 -25.12 -7.87
CA ALA B 315 11.04 -25.92 -9.09
C ALA B 315 10.09 -27.13 -9.02
N HIS B 316 10.21 -27.88 -7.93
CA HIS B 316 9.30 -29.01 -7.72
C HIS B 316 7.86 -28.57 -7.74
N ILE B 317 7.52 -27.55 -6.93
CA ILE B 317 6.14 -27.09 -6.79
C ILE B 317 5.57 -26.57 -8.12
N ALA B 318 6.39 -25.83 -8.85
CA ALA B 318 6.02 -25.27 -10.13
C ALA B 318 5.32 -26.31 -10.98
N VAL B 319 5.89 -27.51 -11.03
CA VAL B 319 5.39 -28.57 -11.93
C VAL B 319 4.60 -29.72 -11.27
N GLN B 320 4.14 -29.55 -10.05
CA GLN B 320 3.57 -30.68 -9.31
C GLN B 320 2.13 -30.44 -8.88
N ARG B 321 1.21 -31.24 -9.45
CA ARG B 321 -0.17 -31.42 -8.94
C ARG B 321 -0.92 -32.59 -9.59
N MET C 1 -4.28 -31.74 45.46
CA MET C 1 -4.47 -30.25 45.58
C MET C 1 -5.64 -29.87 44.67
N ASN C 2 -6.85 -29.99 45.22
CA ASN C 2 -8.09 -29.86 44.48
C ASN C 2 -8.50 -28.39 44.36
N LEU C 3 -9.60 -28.14 43.70
CA LEU C 3 -10.04 -26.81 43.45
C LEU C 3 -10.28 -26.00 44.65
N GLU C 4 -10.91 -26.54 45.67
CA GLU C 4 -11.16 -25.66 46.80
C GLU C 4 -9.99 -25.35 47.64
N LYS C 5 -8.98 -26.17 47.61
CA LYS C 5 -7.83 -25.85 48.37
C LYS C 5 -6.96 -24.85 47.61
N ILE C 6 -7.09 -24.85 46.30
CA ILE C 6 -6.35 -23.93 45.47
C ILE C 6 -6.94 -22.55 45.64
N ASN C 7 -8.24 -22.48 45.83
CA ASN C 7 -8.91 -21.23 46.00
C ASN C 7 -8.61 -20.57 47.30
N GLU C 8 -8.35 -21.36 48.30
CA GLU C 8 -8.07 -20.82 49.59
C GLU C 8 -6.65 -20.37 49.76
N LEU C 9 -5.76 -20.98 49.01
CA LEU C 9 -4.37 -20.63 49.03
C LEU C 9 -4.10 -19.38 48.23
N THR C 10 -4.98 -19.12 47.29
CA THR C 10 -4.89 -18.03 46.40
C THR C 10 -5.86 -16.91 46.75
N ALA C 11 -6.56 -17.07 47.84
CA ALA C 11 -7.58 -16.14 48.27
C ALA C 11 -7.24 -14.71 48.55
N GLN C 12 -6.18 -14.49 49.28
CA GLN C 12 -5.83 -13.12 49.65
C GLN C 12 -5.33 -12.39 48.44
N ASP C 13 -4.58 -13.10 47.60
CA ASP C 13 -4.17 -12.56 46.32
C ASP C 13 -5.32 -12.17 45.40
N MET C 14 -6.32 -13.03 45.32
CA MET C 14 -7.45 -12.80 44.48
C MET C 14 -8.33 -11.70 45.00
N ALA C 15 -8.18 -11.34 46.25
CA ALA C 15 -8.96 -10.27 46.82
C ALA C 15 -8.40 -8.98 46.36
N GLY C 16 -7.10 -8.94 46.14
CA GLY C 16 -6.42 -7.80 45.64
C GLY C 16 -6.70 -7.66 44.18
N VAL C 17 -6.80 -8.78 43.49
CA VAL C 17 -7.09 -8.83 42.09
C VAL C 17 -8.47 -8.32 41.87
N ASN C 18 -9.40 -8.76 42.68
CA ASN C 18 -10.76 -8.31 42.53
C ASN C 18 -10.96 -6.83 42.83
N ALA C 19 -10.23 -6.31 43.79
CA ALA C 19 -10.33 -4.93 44.13
C ALA C 19 -9.72 -4.08 43.02
N ALA C 20 -8.62 -4.50 42.46
CA ALA C 20 -8.02 -3.80 41.37
C ALA C 20 -8.92 -3.76 40.14
N ILE C 21 -9.61 -4.84 39.86
CA ILE C 21 -10.59 -4.84 38.78
C ILE C 21 -11.70 -3.81 39.04
N LEU C 22 -12.27 -3.80 40.25
CA LEU C 22 -13.37 -2.85 40.49
C LEU C 22 -12.87 -1.42 40.55
N GLU C 23 -11.61 -1.26 40.98
CA GLU C 23 -11.01 0.05 41.08
C GLU C 23 -10.88 0.70 39.69
N GLN C 24 -10.29 -0.08 38.77
CA GLN C 24 -10.05 0.35 37.43
C GLN C 24 -11.33 0.43 36.60
N LEU C 25 -12.42 -0.20 37.03
CA LEU C 25 -13.65 -0.19 36.28
C LEU C 25 -14.80 0.58 36.95
N ASN C 26 -14.55 1.45 37.91
CA ASN C 26 -15.64 2.33 38.34
C ASN C 26 -15.70 3.56 37.42
N SER C 27 -16.86 3.79 36.83
CA SER C 27 -17.02 4.86 35.89
C SER C 27 -18.24 5.65 36.29
N ASP C 28 -18.59 6.64 35.49
CA ASP C 28 -19.80 7.43 35.71
C ASP C 28 -20.89 6.92 34.78
N VAL C 29 -20.53 5.90 34.00
CA VAL C 29 -21.45 5.15 33.16
C VAL C 29 -21.65 3.81 33.84
N GLN C 30 -22.89 3.36 33.91
CA GLN C 30 -23.26 2.19 34.69
C GLN C 30 -22.89 0.87 34.01
N LEU C 31 -22.75 0.89 32.69
CA LEU C 31 -22.43 -0.31 31.94
C LEU C 31 -21.04 -0.84 32.32
N ILE C 32 -20.10 0.09 32.40
CA ILE C 32 -18.76 -0.22 32.84
C ILE C 32 -18.73 -0.80 34.26
N ASN C 33 -19.41 -0.16 35.22
CA ASN C 33 -19.49 -0.64 36.60
C ASN C 33 -20.02 -2.06 36.70
N GLN C 34 -21.08 -2.33 35.99
CA GLN C 34 -21.73 -3.62 36.08
C GLN C 34 -20.83 -4.69 35.53
N LEU C 35 -19.98 -4.29 34.60
CA LEU C 35 -19.02 -5.21 34.03
C LEU C 35 -18.03 -5.74 35.06
N GLY C 36 -17.44 -4.82 35.82
CA GLY C 36 -16.58 -5.20 36.94
C GLY C 36 -17.25 -6.20 37.88
N TYR C 37 -18.50 -5.95 38.21
CA TYR C 37 -19.28 -6.88 39.06
C TYR C 37 -19.38 -8.28 38.43
N TYR C 38 -19.71 -8.32 37.15
CA TYR C 38 -19.87 -9.59 36.46
C TYR C 38 -18.52 -10.33 36.29
N ILE C 39 -17.41 -9.61 36.29
CA ILE C 39 -16.11 -10.28 36.21
C ILE C 39 -15.75 -10.97 37.54
N VAL C 40 -15.81 -10.22 38.65
CA VAL C 40 -15.26 -10.72 39.92
C VAL C 40 -16.24 -11.70 40.56
N SER C 41 -17.54 -11.41 40.37
CA SER C 41 -18.59 -12.26 40.87
C SER C 41 -19.06 -13.14 39.73
N GLY C 42 -18.21 -13.27 38.70
CA GLY C 42 -18.50 -14.10 37.55
C GLY C 42 -18.60 -15.53 37.99
N GLY C 43 -19.15 -16.36 37.12
CA GLY C 43 -19.47 -17.75 37.45
C GLY C 43 -18.27 -18.68 37.41
N GLY C 44 -17.37 -18.46 36.46
CA GLY C 44 -16.25 -19.38 36.25
C GLY C 44 -15.18 -19.37 37.34
N LYS C 45 -14.16 -20.20 37.11
CA LYS C 45 -13.09 -20.44 38.08
C LYS C 45 -11.86 -19.57 37.77
N ARG C 46 -12.05 -18.55 36.92
CA ARG C 46 -11.05 -17.52 36.57
C ARG C 46 -9.60 -17.94 36.64
N ILE C 47 -9.28 -18.96 35.86
CA ILE C 47 -7.96 -19.53 35.97
C ILE C 47 -6.88 -18.63 35.36
N ARG C 48 -7.22 -17.68 34.49
CA ARG C 48 -6.21 -16.78 34.00
C ARG C 48 -5.51 -15.93 35.08
N PRO C 49 -6.26 -15.18 35.91
CA PRO C 49 -5.63 -14.43 36.99
C PRO C 49 -5.06 -15.30 38.08
N MET C 50 -5.68 -16.44 38.32
CA MET C 50 -5.18 -17.38 39.31
C MET C 50 -3.77 -17.88 38.93
N ILE C 51 -3.56 -18.21 37.66
CA ILE C 51 -2.22 -18.52 37.14
C ILE C 51 -1.27 -17.36 37.27
N ALA C 52 -1.74 -16.15 36.95
CA ALA C 52 -0.86 -15.00 37.06
C ALA C 52 -0.40 -14.77 38.49
N VAL C 53 -1.27 -15.04 39.43
CA VAL C 53 -0.96 -14.77 40.81
C VAL C 53 -0.06 -15.86 41.37
N LEU C 54 -0.27 -17.09 40.90
CA LEU C 54 0.48 -18.23 41.38
C LEU C 54 1.86 -18.30 40.75
N ALA C 55 1.98 -17.87 39.48
CA ALA C 55 3.25 -17.96 38.78
C ALA C 55 4.26 -17.09 39.53
N ALA C 56 3.84 -15.90 39.92
CA ALA C 56 4.71 -14.98 40.66
C ALA C 56 5.14 -15.53 42.03
N ARG C 57 4.16 -15.88 42.84
CA ARG C 57 4.39 -16.52 44.11
C ARG C 57 5.36 -17.67 44.00
N ALA C 58 5.17 -18.52 43.02
CA ALA C 58 5.96 -19.74 42.89
C ALA C 58 7.45 -19.50 42.55
N VAL C 59 7.82 -18.27 42.22
CA VAL C 59 9.21 -17.92 41.97
C VAL C 59 9.69 -16.87 42.97
N GLY C 60 9.09 -16.87 44.15
CA GLY C 60 9.60 -16.10 45.27
C GLY C 60 9.08 -14.69 45.45
N TYR C 61 8.11 -14.29 44.62
CA TYR C 61 7.65 -12.91 44.65
C TYR C 61 6.96 -12.70 45.98
N GLU C 62 7.28 -11.60 46.63
CA GLU C 62 6.59 -11.23 47.87
C GLU C 62 5.83 -9.92 47.75
N GLY C 63 5.83 -9.30 46.56
CA GLY C 63 5.22 -7.98 46.38
C GLY C 63 3.73 -8.06 46.15
N ASN C 64 3.18 -7.02 45.55
CA ASN C 64 1.79 -7.11 45.12
C ASN C 64 1.48 -6.54 43.76
N ALA C 65 2.49 -6.35 42.92
CA ALA C 65 2.28 -5.94 41.53
C ALA C 65 1.79 -7.08 40.59
N HIS C 66 1.91 -8.32 41.04
CA HIS C 66 1.36 -9.46 40.31
C HIS C 66 -0.17 -9.45 40.32
N VAL C 67 -0.76 -8.64 41.17
CA VAL C 67 -2.20 -8.47 41.26
C VAL C 67 -2.72 -7.59 40.09
N THR C 68 -1.94 -6.58 39.76
CA THR C 68 -2.15 -5.76 38.57
C THR C 68 -2.03 -6.55 37.26
N ILE C 69 -1.01 -7.40 37.19
CA ILE C 69 -0.84 -8.28 36.04
C ILE C 69 -2.06 -9.18 35.87
N ALA C 70 -2.58 -9.71 36.99
CA ALA C 70 -3.73 -10.59 36.96
C ALA C 70 -4.97 -9.87 36.46
N ALA C 71 -5.19 -8.69 37.01
CA ALA C 71 -6.29 -7.88 36.62
C ALA C 71 -6.26 -7.52 35.11
N LEU C 72 -5.14 -6.96 34.63
CA LEU C 72 -5.02 -6.53 33.24
C LEU C 72 -5.15 -7.67 32.23
N ILE C 73 -4.74 -8.88 32.60
CA ILE C 73 -4.92 -10.04 31.75
C ILE C 73 -6.40 -10.36 31.59
N GLU C 74 -7.14 -10.22 32.67
CA GLU C 74 -8.56 -10.44 32.62
C GLU C 74 -9.25 -9.31 31.87
N PHE C 75 -8.67 -8.11 31.90
CA PHE C 75 -9.20 -7.05 31.08
C PHE C 75 -8.99 -7.37 29.60
N ILE C 76 -7.83 -7.91 29.26
CA ILE C 76 -7.54 -8.16 27.89
C ILE C 76 -8.54 -9.17 27.41
N HIS C 77 -8.72 -10.23 28.20
CA HIS C 77 -9.67 -11.30 27.84
C HIS C 77 -11.06 -10.77 27.59
N THR C 78 -11.56 -10.01 28.56
CA THR C 78 -12.91 -9.45 28.53
C THR C 78 -13.10 -8.53 27.31
N ALA C 79 -12.13 -7.67 27.04
CA ALA C 79 -12.22 -6.71 25.92
C ALA C 79 -12.23 -7.43 24.60
N THR C 80 -11.45 -8.51 24.52
CA THR C 80 -11.48 -9.28 23.29
C THR C 80 -12.82 -9.99 23.10
N LEU C 81 -13.49 -10.44 24.16
CA LEU C 81 -14.83 -11.03 24.01
C LEU C 81 -15.82 -9.98 23.57
N LEU C 82 -15.64 -8.77 24.06
CA LEU C 82 -16.53 -7.66 23.73
C LEU C 82 -16.44 -7.31 22.24
N HIS C 83 -15.22 -7.28 21.73
CA HIS C 83 -15.04 -6.99 20.32
C HIS C 83 -15.49 -8.12 19.43
N ASP C 84 -15.45 -9.35 19.91
CA ASP C 84 -16.01 -10.47 19.16
C ASP C 84 -17.53 -10.40 18.96
N ASP C 85 -18.22 -9.70 19.86
CA ASP C 85 -19.67 -9.59 19.80
C ASP C 85 -20.14 -8.58 18.76
N VAL C 86 -19.20 -7.90 18.11
CA VAL C 86 -19.54 -6.97 17.06
C VAL C 86 -19.90 -7.75 15.80
N VAL C 87 -21.01 -7.36 15.18
CA VAL C 87 -21.52 -8.00 13.96
C VAL C 87 -21.73 -6.96 12.86
N ASP C 88 -21.96 -7.45 11.65
CA ASP C 88 -22.16 -6.61 10.47
C ASP C 88 -23.62 -6.71 10.09
N GLU C 89 -23.96 -6.24 8.89
CA GLU C 89 -25.33 -6.37 8.42
C GLU C 89 -25.77 -7.84 8.39
N SER C 90 -26.62 -8.18 9.37
CA SER C 90 -27.10 -9.54 9.72
C SER C 90 -26.20 -10.32 10.69
N PHE C 103 -26.96 -4.43 24.48
CA PHE C 103 -25.51 -4.34 24.31
C PHE C 103 -25.13 -4.44 22.81
N GLY C 104 -25.19 -3.30 22.11
CA GLY C 104 -25.04 -3.22 20.63
C GLY C 104 -23.60 -3.24 20.14
N ASN C 105 -23.37 -2.81 18.90
CA ASN C 105 -21.99 -2.74 18.34
C ASN C 105 -21.25 -1.56 18.95
N ALA C 106 -21.95 -0.46 19.12
CA ALA C 106 -21.33 0.74 19.63
C ALA C 106 -20.75 0.52 21.02
N ALA C 107 -21.56 -0.05 21.91
CA ALA C 107 -21.13 -0.26 23.29
C ALA C 107 -20.07 -1.37 23.41
N SER C 108 -20.20 -2.45 22.65
CA SER C 108 -19.16 -3.48 22.61
C SER C 108 -17.82 -2.93 22.15
N VAL C 109 -17.84 -2.09 21.11
CA VAL C 109 -16.63 -1.49 20.55
C VAL C 109 -16.00 -0.53 21.53
N LEU C 110 -16.81 0.39 22.05
CA LEU C 110 -16.32 1.44 22.95
C LEU C 110 -15.99 0.96 24.34
N VAL C 111 -16.79 0.07 24.94
CA VAL C 111 -16.47 -0.42 26.29
C VAL C 111 -15.24 -1.34 26.22
N GLY C 112 -15.16 -2.17 25.18
CA GLY C 112 -13.94 -2.93 24.88
C GLY C 112 -12.73 -2.07 24.58
N ASP C 113 -12.93 -0.89 24.02
CA ASP C 113 -11.82 0.04 23.79
C ASP C 113 -11.36 0.62 25.12
N PHE C 114 -12.30 1.00 25.97
CA PHE C 114 -11.97 1.56 27.29
C PHE C 114 -11.15 0.58 28.09
N ILE C 115 -11.57 -0.68 28.07
CA ILE C 115 -10.97 -1.73 28.89
C ILE C 115 -9.59 -2.13 28.39
N TYR C 116 -9.45 -2.26 27.07
CA TYR C 116 -8.17 -2.65 26.46
C TYR C 116 -7.19 -1.56 26.76
N THR C 117 -7.59 -0.30 26.56
CA THR C 117 -6.67 0.85 26.80
C THR C 117 -6.28 0.98 28.28
N ARG C 118 -7.20 0.66 29.19
CA ARG C 118 -6.88 0.68 30.60
C ARG C 118 -5.86 -0.44 30.94
N ALA C 119 -6.00 -1.58 30.28
CA ALA C 119 -5.06 -2.66 30.42
C ALA C 119 -3.65 -2.25 30.04
N PHE C 120 -3.55 -1.43 29.00
CA PHE C 120 -2.24 -0.90 28.56
C PHE C 120 -1.67 0.11 29.55
N GLN C 121 -2.53 0.92 30.12
CA GLN C 121 -2.15 1.78 31.22
C GLN C 121 -1.60 0.98 32.40
N MET C 122 -2.31 -0.09 32.77
CA MET C 122 -1.91 -0.94 33.90
C MET C 122 -0.61 -1.71 33.67
N MET C 123 -0.47 -2.33 32.51
CA MET C 123 0.83 -2.89 32.08
C MET C 123 1.95 -1.90 32.32
N THR C 124 1.78 -0.68 31.78
CA THR C 124 2.88 0.28 31.81
C THR C 124 3.15 0.83 33.20
N SER C 125 2.14 0.83 34.08
CA SER C 125 2.32 1.28 35.49
C SER C 125 3.24 0.38 36.30
N LEU C 126 3.43 -0.86 35.86
CA LEU C 126 4.32 -1.81 36.50
C LEU C 126 5.77 -1.47 36.31
N GLY C 127 6.06 -0.64 35.31
CA GLY C 127 7.39 -0.11 35.08
C GLY C 127 8.42 -1.09 34.56
N SER C 128 8.00 -2.16 33.89
CA SER C 128 8.95 -3.09 33.29
C SER C 128 8.86 -3.02 31.78
N LEU C 129 9.97 -2.79 31.09
CA LEU C 129 9.94 -2.67 29.63
C LEU C 129 9.86 -4.05 29.03
N LYS C 130 10.53 -4.98 29.70
CA LYS C 130 10.48 -6.40 29.34
C LYS C 130 9.05 -6.91 29.37
N VAL C 131 8.33 -6.65 30.46
CA VAL C 131 6.94 -7.07 30.53
C VAL C 131 6.12 -6.47 29.40
N LEU C 132 6.30 -5.18 29.17
CA LEU C 132 5.56 -4.47 28.13
C LEU C 132 5.87 -5.01 26.73
N GLU C 133 7.12 -5.34 26.47
CA GLU C 133 7.50 -5.97 25.21
C GLU C 133 6.69 -7.24 24.98
N VAL C 134 6.80 -8.19 25.90
CA VAL C 134 6.06 -9.45 25.89
C VAL C 134 4.53 -9.30 25.93
N MET C 135 4.02 -8.39 26.75
CA MET C 135 2.58 -8.30 26.92
C MET C 135 2.00 -7.63 25.70
N SER C 136 2.73 -6.68 25.13
CA SER C 136 2.26 -5.98 23.94
C SER C 136 2.34 -6.86 22.71
N GLU C 137 3.33 -7.73 22.63
CA GLU C 137 3.37 -8.72 21.55
C GLU C 137 2.23 -9.73 21.60
N ALA C 138 1.88 -10.18 22.80
CA ALA C 138 0.85 -11.21 22.96
C ALA C 138 -0.51 -10.69 22.54
N VAL C 139 -0.81 -9.46 22.94
CA VAL C 139 -2.07 -8.85 22.59
C VAL C 139 -2.16 -8.58 21.09
N ASN C 140 -1.04 -8.30 20.43
CA ASN C 140 -1.00 -8.05 18.99
C ASN C 140 -1.30 -9.31 18.21
N VAL C 141 -0.63 -10.39 18.61
CA VAL C 141 -0.89 -11.74 18.13
C VAL C 141 -2.36 -12.15 18.28
N ILE C 142 -2.96 -11.85 19.43
CA ILE C 142 -4.35 -12.18 19.66
C ILE C 142 -5.24 -11.43 18.69
N ALA C 143 -4.97 -10.14 18.54
CA ALA C 143 -5.77 -9.33 17.67
C ALA C 143 -5.61 -9.80 16.25
N GLU C 144 -4.40 -10.18 15.90
CA GLU C 144 -4.13 -10.69 14.57
C GLU C 144 -4.99 -11.94 14.33
N GLY C 145 -5.01 -12.80 15.34
CA GLY C 145 -5.74 -14.04 15.25
C GLY C 145 -7.23 -13.87 15.13
N GLU C 146 -7.79 -12.84 15.74
CA GLU C 146 -9.22 -12.62 15.59
C GLU C 146 -9.50 -12.31 14.14
N VAL C 147 -8.57 -11.62 13.48
CA VAL C 147 -8.79 -11.22 12.12
C VAL C 147 -8.57 -12.41 11.21
N LEU C 148 -7.58 -13.26 11.52
CA LEU C 148 -7.44 -14.57 10.83
C LEU C 148 -8.76 -15.35 10.80
N GLN C 149 -9.38 -15.52 11.97
CA GLN C 149 -10.67 -16.21 12.13
C GLN C 149 -11.76 -15.61 11.24
N LEU C 150 -11.72 -14.30 11.08
CA LEU C 150 -12.62 -13.61 10.18
C LEU C 150 -12.41 -13.99 8.70
N MET C 151 -11.14 -14.05 8.30
CA MET C 151 -10.73 -14.50 6.98
C MET C 151 -11.11 -15.97 6.82
N ASN C 152 -11.02 -16.73 7.93
CA ASN C 152 -11.40 -18.16 7.92
C ASN C 152 -12.90 -18.48 7.76
N VAL C 153 -13.82 -17.57 8.10
CA VAL C 153 -15.26 -17.83 7.82
C VAL C 153 -15.53 -17.51 6.32
N ASN C 154 -14.83 -16.49 5.82
CA ASN C 154 -14.80 -16.15 4.40
C ASN C 154 -14.08 -17.18 3.51
N ASP C 155 -13.09 -17.92 4.05
CA ASP C 155 -12.42 -19.01 3.32
C ASP C 155 -11.94 -20.12 4.26
N PRO C 156 -12.87 -21.00 4.70
CA PRO C 156 -12.64 -22.12 5.61
C PRO C 156 -11.53 -23.03 5.14
N ASP C 157 -10.80 -23.63 6.06
CA ASP C 157 -9.79 -24.58 5.67
C ASP C 157 -9.60 -25.68 6.71
N ILE C 158 -9.36 -26.87 6.19
CA ILE C 158 -9.40 -28.09 6.96
C ILE C 158 -7.97 -28.58 7.25
N THR C 159 -7.19 -27.79 7.98
CA THR C 159 -5.73 -28.00 8.02
C THR C 159 -5.30 -28.97 9.14
N GLU C 160 -4.03 -28.89 9.57
CA GLU C 160 -3.42 -29.71 10.62
C GLU C 160 -3.43 -31.19 10.25
N MET C 164 -4.41 -25.46 15.22
CA MET C 164 -3.48 -25.30 16.34
C MET C 164 -2.89 -23.85 16.44
N ARG C 165 -2.86 -23.13 15.32
CA ARG C 165 -2.44 -21.74 15.27
C ARG C 165 -3.51 -20.78 15.72
N VAL C 166 -4.79 -21.12 15.48
CA VAL C 166 -5.94 -20.31 15.98
C VAL C 166 -6.06 -20.30 17.52
N ILE C 167 -6.00 -21.49 18.13
CA ILE C 167 -6.16 -21.62 19.56
C ILE C 167 -5.00 -20.97 20.29
N TYR C 168 -3.79 -21.14 19.75
CA TYR C 168 -2.60 -20.47 20.28
C TYR C 168 -2.78 -18.92 20.39
N SER C 169 -3.31 -18.30 19.34
CA SER C 169 -3.59 -16.87 19.35
C SER C 169 -4.87 -16.53 20.13
N LYS C 170 -5.92 -17.32 19.91
CA LYS C 170 -7.22 -17.10 20.57
C LYS C 170 -7.12 -17.18 22.09
N THR C 171 -6.32 -18.13 22.60
CA THR C 171 -6.39 -18.54 24.02
C THR C 171 -5.01 -18.67 24.66
N ALA C 172 -4.13 -19.49 24.06
CA ALA C 172 -2.90 -19.92 24.74
C ALA C 172 -1.90 -18.83 24.98
N ARG C 173 -1.75 -17.95 24.01
CA ARG C 173 -0.78 -16.89 24.06
C ARG C 173 -0.92 -16.00 25.30
N LEU C 174 -2.16 -15.77 25.72
CA LEU C 174 -2.43 -14.90 26.83
C LEU C 174 -2.14 -15.61 28.16
N PHE C 175 -2.43 -16.92 28.22
CA PHE C 175 -2.00 -17.77 29.36
C PHE C 175 -0.48 -17.77 29.43
N GLU C 176 0.15 -17.94 28.27
CA GLU C 176 1.62 -17.91 28.18
C GLU C 176 2.18 -16.59 28.70
N ALA C 177 1.62 -15.48 28.27
CA ALA C 177 2.12 -14.19 28.68
C ALA C 177 1.83 -13.92 30.14
N ALA C 178 0.73 -14.48 30.65
CA ALA C 178 0.34 -14.25 32.03
C ALA C 178 1.32 -14.96 32.98
N ALA C 179 1.66 -16.20 32.67
CA ALA C 179 2.65 -16.92 33.44
C ALA C 179 4.03 -16.29 33.34
N GLN C 180 4.43 -16.01 32.12
CA GLN C 180 5.76 -15.47 31.83
C GLN C 180 5.98 -14.09 32.44
N CYS C 181 5.00 -13.20 32.33
CA CYS C 181 5.27 -11.80 32.73
C CYS C 181 5.29 -11.72 34.23
N SER C 182 4.52 -12.59 34.87
CA SER C 182 4.52 -12.73 36.31
C SER C 182 5.86 -13.24 36.80
N GLY C 183 6.39 -14.25 36.11
CA GLY C 183 7.75 -14.69 36.31
C GLY C 183 8.69 -13.51 36.15
N ILE C 184 8.64 -12.88 34.98
CA ILE C 184 9.52 -11.75 34.69
C ILE C 184 9.48 -10.71 35.79
N LEU C 185 8.28 -10.35 36.22
CA LEU C 185 8.10 -9.25 37.15
C LEU C 185 8.73 -9.55 38.53
N ALA C 186 8.84 -10.83 38.89
CA ALA C 186 9.53 -11.25 40.10
C ALA C 186 11.04 -11.48 39.89
N GLY C 187 11.59 -11.04 38.76
CA GLY C 187 13.02 -11.20 38.47
C GLY C 187 13.41 -12.65 38.59
N CYS C 188 12.65 -13.50 37.95
CA CYS C 188 12.91 -14.92 38.01
C CYS C 188 14.08 -15.23 37.08
N THR C 189 14.64 -16.40 37.31
CA THR C 189 15.70 -16.97 36.52
C THR C 189 15.19 -17.21 35.08
N PRO C 190 16.09 -17.18 34.08
CA PRO C 190 15.64 -17.40 32.69
C PRO C 190 15.07 -18.80 32.49
N GLU C 191 15.64 -19.75 33.21
CA GLU C 191 15.15 -21.12 33.22
C GLU C 191 13.71 -21.14 33.71
N GLU C 192 13.44 -20.36 34.76
CA GLU C 192 12.15 -20.37 35.44
C GLU C 192 11.12 -19.67 34.56
N GLU C 193 11.55 -18.57 33.95
CA GLU C 193 10.77 -17.82 32.97
C GLU C 193 10.31 -18.70 31.82
N LYS C 194 11.23 -19.51 31.33
CA LYS C 194 10.92 -20.42 30.22
C LYS C 194 9.90 -21.47 30.68
N GLY C 195 10.05 -21.95 31.89
CA GLY C 195 9.18 -23.00 32.39
C GLY C 195 7.76 -22.48 32.58
N LEU C 196 7.63 -21.27 33.15
CA LEU C 196 6.34 -20.63 33.32
C LEU C 196 5.72 -20.31 31.97
N GLN C 197 6.52 -19.73 31.10
CA GLN C 197 6.05 -19.41 29.77
C GLN C 197 5.48 -20.64 29.06
N ASP C 198 6.20 -21.76 29.09
CA ASP C 198 5.76 -22.96 28.40
C ASP C 198 4.55 -23.52 29.14
N TYR C 199 4.55 -23.40 30.45
CA TYR C 199 3.47 -23.89 31.27
C TYR C 199 2.20 -23.21 30.80
N GLY C 200 2.26 -21.90 30.63
CA GLY C 200 1.09 -21.17 30.22
C GLY C 200 0.67 -21.53 28.81
N ARG C 201 1.62 -21.80 27.92
CA ARG C 201 1.30 -22.09 26.51
C ARG C 201 0.59 -23.43 26.38
N TYR C 202 1.14 -24.44 27.04
CA TYR C 202 0.59 -25.79 27.06
C TYR C 202 -0.70 -25.89 27.86
N LEU C 203 -0.82 -25.13 28.94
CA LEU C 203 -2.10 -25.13 29.65
C LEU C 203 -3.19 -24.44 28.86
N GLY C 204 -2.81 -23.33 28.24
CA GLY C 204 -3.71 -22.59 27.35
C GLY C 204 -4.24 -23.46 26.24
N THR C 205 -3.34 -24.22 25.62
CA THR C 205 -3.69 -25.14 24.55
C THR C 205 -4.63 -26.26 25.03
N ALA C 206 -4.36 -26.80 26.18
CA ALA C 206 -5.17 -27.83 26.77
C ALA C 206 -6.51 -27.30 27.11
N PHE C 207 -6.56 -26.06 27.53
CA PHE C 207 -7.78 -25.38 27.89
C PHE C 207 -8.66 -25.20 26.70
N GLN C 208 -8.09 -24.75 25.61
CA GLN C 208 -8.87 -24.54 24.44
C GLN C 208 -9.33 -25.84 23.81
N LEU C 209 -8.58 -26.91 23.95
CA LEU C 209 -9.00 -28.17 23.42
C LEU C 209 -10.16 -28.72 24.20
N ILE C 210 -10.17 -28.49 25.49
CA ILE C 210 -11.24 -28.95 26.33
C ILE C 210 -12.48 -28.18 26.02
N ASP C 211 -12.32 -26.89 25.82
CA ASP C 211 -13.40 -26.05 25.47
C ASP C 211 -14.02 -26.38 24.13
N ASP C 212 -13.21 -26.80 23.17
CA ASP C 212 -13.71 -27.15 21.89
C ASP C 212 -14.55 -28.41 22.01
N LEU C 213 -14.13 -29.34 22.82
CA LEU C 213 -14.92 -30.53 22.98
C LEU C 213 -16.22 -30.34 23.77
N LEU C 214 -16.29 -29.34 24.62
CA LEU C 214 -17.46 -29.10 25.42
C LEU C 214 -18.57 -28.41 24.68
N ASP C 215 -18.24 -27.83 23.54
CA ASP C 215 -19.16 -27.16 22.66
C ASP C 215 -20.13 -28.15 21.98
N TYR C 216 -19.76 -29.43 21.89
CA TYR C 216 -20.62 -30.48 21.37
C TYR C 216 -21.17 -31.19 22.62
N ASN C 217 -21.98 -30.47 23.39
CA ASN C 217 -22.44 -30.89 24.72
C ASN C 217 -23.29 -29.73 25.31
N VAL C 227 -22.01 -24.19 23.99
CA VAL C 227 -23.45 -24.30 23.80
C VAL C 227 -23.81 -24.92 22.43
N GLY C 228 -22.93 -24.79 21.43
CA GLY C 228 -23.11 -25.45 20.12
C GLY C 228 -22.94 -24.56 18.89
N ASP C 229 -22.23 -23.46 19.09
CA ASP C 229 -22.05 -22.47 18.05
C ASP C 229 -21.01 -22.93 17.05
N ASP C 230 -20.04 -23.73 17.51
CA ASP C 230 -18.90 -24.06 16.64
C ASP C 230 -19.44 -24.77 15.39
N LEU C 231 -20.38 -25.69 15.61
CA LEU C 231 -20.97 -26.44 14.54
C LEU C 231 -21.94 -25.60 13.71
N ASN C 232 -22.69 -24.69 14.35
CA ASN C 232 -23.64 -23.83 13.62
C ASN C 232 -22.92 -22.97 12.59
N GLU C 233 -21.73 -22.54 12.96
CA GLU C 233 -20.90 -21.70 12.12
C GLU C 233 -20.00 -22.53 11.20
N GLY C 234 -20.08 -23.85 11.33
CA GLY C 234 -19.20 -24.74 10.57
C GLY C 234 -17.73 -24.49 10.85
N LYS C 235 -17.43 -24.15 12.09
CA LYS C 235 -16.05 -23.92 12.48
C LYS C 235 -15.27 -25.25 12.55
N PRO C 236 -14.14 -25.33 11.83
CA PRO C 236 -13.26 -26.48 11.91
C PRO C 236 -12.47 -26.57 13.22
N THR C 237 -13.08 -27.15 14.26
CA THR C 237 -12.36 -27.45 15.51
C THR C 237 -11.88 -28.90 15.55
N LEU C 238 -11.06 -29.22 16.55
CA LEU C 238 -10.38 -30.49 16.59
C LEU C 238 -11.36 -31.67 16.56
N PRO C 239 -12.36 -31.66 17.45
CA PRO C 239 -13.32 -32.76 17.39
C PRO C 239 -14.04 -32.92 16.02
N LEU C 240 -14.34 -31.82 15.35
CA LEU C 240 -15.08 -31.89 14.09
C LEU C 240 -14.17 -32.43 12.97
N LEU C 241 -12.93 -31.96 12.95
CA LEU C 241 -11.94 -32.46 12.01
C LEU C 241 -11.64 -33.94 12.19
N HIS C 242 -11.45 -34.37 13.43
CA HIS C 242 -11.24 -35.80 13.68
C HIS C 242 -12.39 -36.65 13.09
N ALA C 243 -13.64 -36.28 13.38
CA ALA C 243 -14.80 -36.98 12.84
C ALA C 243 -14.88 -36.95 11.30
N MET C 244 -14.41 -35.88 10.68
CA MET C 244 -14.38 -35.84 9.22
C MET C 244 -13.37 -36.80 8.62
N HIS C 245 -12.24 -36.98 9.29
CA HIS C 245 -11.15 -37.86 8.84
C HIS C 245 -11.33 -39.36 9.19
N HIS C 246 -12.14 -39.67 10.19
CA HIS C 246 -12.31 -41.04 10.64
C HIS C 246 -13.74 -41.55 10.45
N GLY C 247 -14.70 -40.67 10.16
CA GLY C 247 -16.12 -41.04 10.07
C GLY C 247 -16.39 -41.82 8.79
N THR C 248 -17.59 -42.38 8.66
CA THR C 248 -18.02 -42.98 7.39
C THR C 248 -17.95 -41.93 6.29
N PRO C 249 -18.01 -42.36 5.03
CA PRO C 249 -17.97 -41.41 3.92
C PRO C 249 -19.10 -40.39 3.92
N GLU C 250 -20.28 -40.78 4.42
CA GLU C 250 -21.46 -39.91 4.40
C GLU C 250 -21.30 -38.83 5.47
N GLN C 251 -20.76 -39.23 6.62
CA GLN C 251 -20.48 -38.31 7.71
C GLN C 251 -19.33 -37.36 7.32
N ALA C 252 -18.35 -37.89 6.62
CA ALA C 252 -17.23 -37.11 6.09
C ALA C 252 -17.72 -36.06 5.12
N GLN C 253 -18.62 -36.46 4.26
CA GLN C 253 -19.10 -35.56 3.25
C GLN C 253 -19.94 -34.49 3.94
N MET C 254 -20.79 -34.90 4.88
CA MET C 254 -21.70 -33.98 5.58
C MET C 254 -20.92 -32.89 6.29
N ILE C 255 -19.81 -33.31 6.92
CA ILE C 255 -19.01 -32.43 7.74
C ILE C 255 -18.19 -31.50 6.86
N ARG C 256 -17.60 -32.06 5.82
CA ARG C 256 -16.77 -31.26 4.95
C ARG C 256 -17.63 -30.12 4.38
N THR C 257 -18.89 -30.38 4.02
CA THR C 257 -19.66 -29.34 3.35
C THR C 257 -20.24 -28.34 4.36
N ALA C 258 -20.40 -28.72 5.62
CA ALA C 258 -20.75 -27.75 6.66
C ALA C 258 -19.59 -26.80 6.97
N ILE C 259 -18.37 -27.34 6.92
CA ILE C 259 -17.21 -26.51 7.18
C ILE C 259 -17.01 -25.54 6.03
N GLU C 260 -16.92 -26.07 4.81
CA GLU C 260 -16.73 -25.24 3.60
C GLU C 260 -17.96 -24.33 3.33
N GLN C 261 -19.18 -24.81 3.57
CA GLN C 261 -20.35 -23.91 3.55
C GLN C 261 -20.40 -22.86 4.67
N GLY C 262 -19.65 -23.07 5.75
CA GLY C 262 -19.75 -22.24 6.95
C GLY C 262 -21.08 -22.35 7.67
N ASN C 263 -21.67 -23.54 7.70
CA ASN C 263 -23.03 -23.75 8.21
C ASN C 263 -23.30 -25.22 8.54
N GLY C 264 -23.24 -25.56 9.81
CA GLY C 264 -23.66 -26.90 10.25
C GLY C 264 -24.88 -26.83 11.12
N ARG C 265 -25.74 -25.84 10.89
CA ARG C 265 -26.88 -25.64 11.75
C ARG C 265 -27.87 -26.81 11.60
N HIS C 266 -28.29 -27.38 12.72
CA HIS C 266 -29.23 -28.54 12.76
C HIS C 266 -28.59 -29.89 12.55
N LEU C 267 -27.28 -29.94 12.35
CA LEU C 267 -26.57 -31.18 12.08
C LEU C 267 -26.03 -31.88 13.33
N LEU C 268 -26.28 -31.31 14.51
CA LEU C 268 -25.69 -31.79 15.74
C LEU C 268 -25.81 -33.30 15.95
N GLU C 269 -27.03 -33.81 15.83
CA GLU C 269 -27.32 -35.24 16.08
C GLU C 269 -26.47 -36.19 15.22
N PRO C 270 -26.51 -36.00 13.88
CA PRO C 270 -25.71 -36.88 13.04
C PRO C 270 -24.20 -36.67 13.16
N VAL C 271 -23.77 -35.45 13.51
CA VAL C 271 -22.36 -35.19 13.84
C VAL C 271 -21.91 -35.90 15.15
N LEU C 272 -22.76 -35.83 16.17
CA LEU C 272 -22.48 -36.52 17.44
C LEU C 272 -22.39 -38.02 17.26
N GLU C 273 -23.30 -38.57 16.47
CA GLU C 273 -23.25 -39.97 16.08
C GLU C 273 -21.90 -40.31 15.51
N ALA C 274 -21.43 -39.44 14.61
CA ALA C 274 -20.12 -39.61 13.98
C ALA C 274 -18.96 -39.54 15.00
N MET C 275 -19.00 -38.52 15.84
CA MET C 275 -17.98 -38.35 16.88
C MET C 275 -17.94 -39.53 17.84
N ASN C 276 -19.10 -39.96 18.34
CA ASN C 276 -19.15 -41.09 19.29
C ASN C 276 -18.61 -42.37 18.68
N ALA C 277 -19.00 -42.66 17.44
CA ALA C 277 -18.69 -43.94 16.84
C ALA C 277 -17.22 -44.11 16.46
N CYS C 278 -16.48 -43.01 16.33
CA CYS C 278 -15.04 -43.12 16.04
C CYS C 278 -14.10 -42.44 17.07
N GLY C 279 -14.70 -41.93 18.15
CA GLY C 279 -13.97 -41.55 19.36
C GLY C 279 -13.41 -40.13 19.36
N SER C 280 -14.15 -39.19 18.75
CA SER C 280 -13.60 -37.87 18.46
C SER C 280 -13.48 -36.96 19.70
N LEU C 281 -14.47 -37.03 20.57
CA LEU C 281 -14.42 -36.35 21.85
C LEU C 281 -13.35 -36.91 22.75
N GLU C 282 -13.31 -38.23 22.88
CA GLU C 282 -12.31 -38.88 23.75
C GLU C 282 -10.88 -38.65 23.23
N TRP C 283 -10.73 -38.65 21.92
CA TRP C 283 -9.45 -38.43 21.30
C TRP C 283 -8.99 -36.98 21.52
N THR C 284 -9.95 -36.06 21.56
CA THR C 284 -9.69 -34.63 21.79
C THR C 284 -9.31 -34.36 23.25
N ARG C 285 -10.05 -34.94 24.19
CA ARG C 285 -9.69 -34.85 25.60
C ARG C 285 -8.33 -35.48 25.86
N GLN C 286 -8.04 -36.55 25.16
CA GLN C 286 -6.76 -37.18 25.32
C GLN C 286 -5.66 -36.26 24.82
N ARG C 287 -5.87 -35.60 23.68
CA ARG C 287 -4.87 -34.64 23.17
C ARG C 287 -4.74 -33.43 24.10
N ALA C 288 -5.83 -32.99 24.71
CA ALA C 288 -5.78 -31.96 25.75
C ALA C 288 -5.00 -32.41 26.97
N GLU C 289 -5.22 -33.64 27.41
CA GLU C 289 -4.44 -34.25 28.50
C GLU C 289 -2.94 -34.29 28.22
N GLU C 290 -2.61 -34.58 26.98
CA GLU C 290 -1.22 -34.59 26.52
C GLU C 290 -0.58 -33.21 26.73
N GLU C 291 -1.29 -32.14 26.35
CA GLU C 291 -0.79 -30.78 26.51
C GLU C 291 -0.66 -30.38 27.99
N ALA C 292 -1.57 -30.88 28.82
CA ALA C 292 -1.53 -30.56 30.23
C ALA C 292 -0.34 -31.20 30.90
N ASP C 293 0.03 -32.40 30.44
CA ASP C 293 1.23 -33.08 30.97
C ASP C 293 2.47 -32.31 30.66
N LYS C 294 2.51 -31.79 29.44
CA LYS C 294 3.59 -30.90 29.02
C LYS C 294 3.70 -29.64 29.88
N ALA C 295 2.57 -29.08 30.27
CA ALA C 295 2.53 -27.89 31.13
C ALA C 295 3.14 -28.19 32.47
N ILE C 296 2.71 -29.33 33.04
CA ILE C 296 3.26 -29.84 34.29
C ILE C 296 4.76 -30.09 34.19
N ALA C 297 5.18 -30.69 33.09
CA ALA C 297 6.58 -31.01 32.91
C ALA C 297 7.46 -29.76 32.81
N ALA C 298 6.95 -28.68 32.25
CA ALA C 298 7.72 -27.43 32.19
C ALA C 298 7.95 -26.83 33.57
N LEU C 299 7.00 -27.06 34.47
CA LEU C 299 7.07 -26.54 35.82
C LEU C 299 8.07 -27.24 36.76
N GLN C 300 8.73 -28.32 36.33
CA GLN C 300 9.62 -29.09 37.24
C GLN C 300 10.92 -28.34 37.47
N VAL C 301 11.23 -27.43 36.54
CA VAL C 301 12.29 -26.44 36.69
C VAL C 301 12.14 -25.52 37.90
N LEU C 302 10.93 -25.31 38.43
CA LEU C 302 10.73 -24.41 39.56
C LEU C 302 10.93 -25.09 40.90
N PRO C 303 11.06 -24.29 41.95
CA PRO C 303 11.11 -24.80 43.30
C PRO C 303 9.84 -25.53 43.69
N ASP C 304 9.97 -26.53 44.56
CA ASP C 304 8.83 -27.26 45.03
C ASP C 304 8.16 -26.42 46.10
N THR C 305 7.00 -25.87 45.79
CA THR C 305 6.22 -25.09 46.76
C THR C 305 4.75 -25.45 46.63
N PRO C 306 3.93 -25.05 47.62
CA PRO C 306 2.49 -25.18 47.46
C PRO C 306 1.93 -24.39 46.30
N TRP C 307 2.66 -23.37 45.84
CA TRP C 307 2.25 -22.54 44.71
C TRP C 307 2.41 -23.33 43.39
N ARG C 308 3.54 -24.00 43.26
CA ARG C 308 3.75 -24.89 42.14
C ARG C 308 2.82 -26.08 42.13
N GLU C 309 2.52 -26.58 43.32
CA GLU C 309 1.62 -27.69 43.47
C GLU C 309 0.28 -27.22 42.95
N ALA C 310 -0.12 -26.00 43.31
CA ALA C 310 -1.38 -25.43 42.85
C ALA C 310 -1.42 -25.18 41.32
N LEU C 311 -0.29 -24.82 40.73
CA LEU C 311 -0.21 -24.64 39.29
C LEU C 311 -0.40 -25.98 38.59
N ILE C 312 0.28 -26.99 39.11
CA ILE C 312 0.16 -28.37 38.64
C ILE C 312 -1.29 -28.84 38.76
N GLY C 313 -1.94 -28.52 39.88
CA GLY C 313 -3.34 -28.88 40.09
C GLY C 313 -4.31 -28.25 39.10
N LEU C 314 -3.99 -27.04 38.64
CA LEU C 314 -4.83 -26.32 37.70
C LEU C 314 -4.80 -26.98 36.35
N ALA C 315 -3.61 -27.46 35.97
CA ALA C 315 -3.49 -28.24 34.73
C ALA C 315 -4.33 -29.51 34.74
N HIS C 316 -4.34 -30.24 35.87
CA HIS C 316 -5.20 -31.42 36.00
C HIS C 316 -6.65 -31.01 35.92
N ILE C 317 -7.04 -29.98 36.67
CA ILE C 317 -8.43 -29.55 36.68
C ILE C 317 -8.88 -29.07 35.30
N ALA C 318 -8.07 -28.22 34.64
CA ALA C 318 -8.38 -27.78 33.28
C ALA C 318 -8.76 -28.93 32.34
N VAL C 319 -8.12 -30.10 32.49
CA VAL C 319 -8.41 -31.24 31.60
C VAL C 319 -9.24 -32.35 32.23
N GLN C 320 -9.96 -32.05 33.30
CA GLN C 320 -11.13 -32.86 33.68
C GLN C 320 -12.37 -31.96 33.59
N ARG C 321 -12.55 -31.40 32.40
CA ARG C 321 -13.64 -30.47 32.05
C ARG C 321 -13.97 -29.39 33.09
N MET D 1 21.24 33.63 -35.47
CA MET D 1 21.74 32.46 -36.27
C MET D 1 20.59 31.64 -36.84
N ASN D 2 20.46 31.65 -38.15
CA ASN D 2 19.49 30.84 -38.91
C ASN D 2 19.44 29.32 -38.67
N LEU D 3 18.28 28.75 -39.00
CA LEU D 3 18.09 27.31 -39.08
C LEU D 3 19.08 26.62 -40.03
N GLU D 4 19.31 27.24 -41.18
CA GLU D 4 20.14 26.65 -42.21
C GLU D 4 21.61 26.63 -41.72
N LYS D 5 21.98 27.64 -40.97
CA LYS D 5 23.31 27.75 -40.39
C LYS D 5 23.44 26.78 -39.21
N ILE D 6 22.35 26.63 -38.44
CA ILE D 6 22.38 25.67 -37.32
C ILE D 6 22.48 24.23 -37.83
N ASN D 7 21.79 23.94 -38.92
CA ASN D 7 21.87 22.62 -39.57
C ASN D 7 23.23 22.32 -40.18
N GLU D 8 23.91 23.36 -40.63
CA GLU D 8 25.21 23.18 -41.22
C GLU D 8 26.23 22.82 -40.10
N LEU D 9 26.09 23.50 -38.97
CA LEU D 9 26.98 23.29 -37.82
C LEU D 9 26.86 21.89 -37.17
N THR D 10 25.67 21.36 -37.29
CA THR D 10 25.24 20.21 -36.57
C THR D 10 25.34 18.96 -37.46
N ALA D 11 25.63 19.18 -38.75
CA ALA D 11 25.34 18.17 -39.76
C ALA D 11 26.16 16.91 -39.59
N GLN D 12 27.43 17.04 -39.20
CA GLN D 12 28.28 15.87 -38.97
C GLN D 12 27.79 15.02 -37.82
N ASP D 13 27.51 15.67 -36.69
CA ASP D 13 26.97 14.98 -35.53
C ASP D 13 25.60 14.35 -35.84
N MET D 14 24.71 15.10 -36.50
CA MET D 14 23.37 14.57 -36.80
C MET D 14 23.40 13.40 -37.76
N ALA D 15 24.40 13.38 -38.63
CA ALA D 15 24.62 12.23 -39.50
C ALA D 15 24.94 10.99 -38.67
N GLY D 16 25.81 11.12 -37.69
CA GLY D 16 26.01 10.10 -36.66
C GLY D 16 24.77 9.67 -35.88
N VAL D 17 23.91 10.64 -35.55
CA VAL D 17 22.66 10.38 -34.84
C VAL D 17 21.73 9.60 -35.72
N ASN D 18 21.61 10.03 -36.97
CA ASN D 18 20.80 9.27 -37.95
C ASN D 18 21.34 7.87 -38.21
N ALA D 19 22.66 7.71 -38.20
CA ALA D 19 23.24 6.39 -38.41
C ALA D 19 22.95 5.49 -37.22
N ALA D 20 23.05 6.07 -36.01
CA ALA D 20 22.79 5.32 -34.78
C ALA D 20 21.33 4.86 -34.77
N ILE D 21 20.39 5.72 -35.22
CA ILE D 21 18.96 5.41 -35.21
C ILE D 21 18.67 4.28 -36.19
N LEU D 22 19.29 4.35 -37.35
CA LEU D 22 19.11 3.33 -38.37
C LEU D 22 19.75 2.00 -37.98
N GLU D 23 20.88 2.02 -37.30
CA GLU D 23 21.51 0.76 -36.89
C GLU D 23 20.70 0.07 -35.78
N GLN D 24 20.04 0.86 -34.93
CA GLN D 24 19.25 0.35 -33.80
C GLN D 24 17.95 -0.24 -34.32
N LEU D 25 17.36 0.45 -35.27
CA LEU D 25 16.11 0.07 -35.80
C LEU D 25 16.24 -0.70 -37.06
N ASN D 26 17.28 -1.50 -37.16
CA ASN D 26 17.51 -2.34 -38.32
C ASN D 26 16.97 -3.71 -37.99
N SER D 27 15.88 -4.06 -38.62
CA SER D 27 15.18 -5.28 -38.32
C SER D 27 14.57 -5.95 -39.52
N ASP D 28 14.25 -7.20 -39.37
CA ASP D 28 13.54 -7.85 -40.44
C ASP D 28 12.08 -7.48 -40.25
N VAL D 29 11.64 -7.25 -39.03
CA VAL D 29 10.27 -6.86 -38.87
C VAL D 29 10.13 -5.45 -39.36
N GLN D 30 9.36 -5.33 -40.41
CA GLN D 30 9.07 -4.10 -41.11
C GLN D 30 8.63 -2.96 -40.26
N LEU D 31 7.77 -3.26 -39.31
CA LEU D 31 7.23 -2.26 -38.40
C LEU D 31 8.29 -1.44 -37.73
N ILE D 32 9.33 -2.08 -37.22
CA ILE D 32 10.41 -1.41 -36.55
C ILE D 32 11.26 -0.69 -37.60
N ASN D 33 11.79 -1.45 -38.53
CA ASN D 33 12.61 -0.99 -39.62
C ASN D 33 12.04 0.20 -40.34
N GLN D 34 10.73 0.23 -40.50
CA GLN D 34 10.05 1.31 -41.10
C GLN D 34 10.08 2.52 -40.25
N LEU D 35 10.08 2.34 -38.95
CA LEU D 35 10.05 3.46 -38.04
C LEU D 35 11.34 4.22 -38.05
N GLY D 36 12.42 3.56 -38.39
CA GLY D 36 13.70 4.19 -38.47
C GLY D 36 13.78 5.15 -39.62
N TYR D 37 13.10 4.84 -40.69
CA TYR D 37 13.09 5.67 -41.85
C TYR D 37 12.17 6.84 -41.63
N TYR D 38 11.17 6.66 -40.82
CA TYR D 38 10.21 7.70 -40.59
C TYR D 38 10.79 8.76 -39.72
N ILE D 39 11.66 8.37 -38.81
CA ILE D 39 12.26 9.29 -37.91
C ILE D 39 13.31 10.12 -38.57
N VAL D 40 14.27 9.49 -39.23
CA VAL D 40 15.33 10.24 -39.84
C VAL D 40 14.93 10.98 -41.10
N SER D 41 13.86 10.59 -41.74
CA SER D 41 13.45 11.28 -42.92
C SER D 41 12.17 11.98 -42.66
N GLY D 42 12.02 12.45 -41.44
CA GLY D 42 10.87 13.23 -41.05
C GLY D 42 11.16 14.61 -41.57
N GLY D 43 10.14 15.37 -41.90
CA GLY D 43 10.39 16.68 -42.42
C GLY D 43 10.89 17.68 -41.41
N GLY D 44 10.48 17.46 -40.18
CA GLY D 44 10.81 18.30 -39.05
C GLY D 44 12.20 18.72 -38.71
N LYS D 45 12.25 19.65 -37.78
CA LYS D 45 13.48 20.24 -37.32
C LYS D 45 14.35 19.40 -36.43
N ARG D 46 13.82 18.35 -35.82
CA ARG D 46 14.56 17.48 -34.90
C ARG D 46 15.31 18.31 -33.88
N ILE D 47 14.59 19.16 -33.18
CA ILE D 47 15.22 20.07 -32.27
C ILE D 47 15.78 19.40 -31.00
N ARG D 48 15.24 18.27 -30.57
CA ARG D 48 15.65 17.60 -29.33
C ARG D 48 17.04 16.97 -29.49
N PRO D 49 17.25 16.16 -30.55
CA PRO D 49 18.60 15.66 -30.77
C PRO D 49 19.60 16.73 -31.11
N MET D 50 19.16 17.76 -31.81
CA MET D 50 20.08 18.83 -32.16
C MET D 50 20.69 19.50 -30.91
N ILE D 51 19.84 19.70 -29.91
CA ILE D 51 20.24 20.22 -28.61
C ILE D 51 21.22 19.30 -27.84
N ALA D 52 20.97 18.01 -27.85
CA ALA D 52 21.81 17.10 -27.13
C ALA D 52 23.22 17.14 -27.68
N VAL D 53 23.28 17.22 -28.98
CA VAL D 53 24.53 17.26 -29.70
C VAL D 53 25.26 18.59 -29.43
N LEU D 54 24.56 19.72 -29.58
CA LEU D 54 25.18 21.03 -29.36
C LEU D 54 25.65 21.19 -27.94
N ALA D 55 24.83 20.75 -26.99
CA ALA D 55 25.13 21.01 -25.59
C ALA D 55 26.48 20.42 -25.18
N ALA D 56 26.79 19.23 -25.70
CA ALA D 56 28.05 18.60 -25.40
C ALA D 56 29.18 19.33 -26.11
N ARG D 57 29.00 19.64 -27.40
CA ARG D 57 30.03 20.37 -28.10
C ARG D 57 30.31 21.70 -27.40
N ALA D 58 29.25 22.32 -26.88
CA ALA D 58 29.34 23.66 -26.30
C ALA D 58 30.17 23.71 -25.03
N VAL D 59 30.34 22.55 -24.39
CA VAL D 59 31.13 22.46 -23.19
C VAL D 59 32.42 21.65 -23.40
N GLY D 60 32.90 21.63 -24.64
CA GLY D 60 34.22 21.07 -24.95
C GLY D 60 34.27 19.60 -25.36
N TYR D 61 33.14 18.96 -25.62
CA TYR D 61 33.16 17.53 -25.81
C TYR D 61 33.80 17.14 -27.13
N GLU D 62 34.74 16.19 -27.07
CA GLU D 62 35.48 15.72 -28.25
C GLU D 62 35.11 14.32 -28.73
N GLY D 63 34.40 13.56 -27.91
CA GLY D 63 34.02 12.19 -28.24
C GLY D 63 32.82 12.08 -29.15
N ASN D 64 32.21 10.90 -29.21
CA ASN D 64 30.94 10.75 -29.95
C ASN D 64 29.78 10.14 -29.13
N ALA D 65 29.85 10.20 -27.81
CA ALA D 65 28.80 9.63 -26.96
C ALA D 65 27.53 10.46 -26.96
N HIS D 66 27.69 11.74 -27.27
CA HIS D 66 26.59 12.68 -27.31
C HIS D 66 25.67 12.34 -28.50
N VAL D 67 26.21 11.71 -29.52
CA VAL D 67 25.39 11.16 -30.59
C VAL D 67 24.43 10.13 -30.03
N THR D 68 24.95 9.25 -29.19
CA THR D 68 24.13 8.24 -28.52
C THR D 68 23.02 8.76 -27.59
N ILE D 69 23.30 9.84 -26.86
CA ILE D 69 22.30 10.52 -26.05
C ILE D 69 21.24 11.12 -26.97
N ALA D 70 21.69 11.75 -28.05
CA ALA D 70 20.78 12.43 -28.95
C ALA D 70 19.83 11.44 -29.60
N ALA D 71 20.30 10.23 -29.87
CA ALA D 71 19.47 9.24 -30.52
C ALA D 71 18.47 8.62 -29.57
N LEU D 72 18.93 8.25 -28.38
CA LEU D 72 18.03 7.69 -27.36
C LEU D 72 17.01 8.70 -26.86
N ILE D 73 17.34 9.98 -26.95
CA ILE D 73 16.39 10.99 -26.54
C ILE D 73 15.26 10.99 -27.56
N GLU D 74 15.61 10.83 -28.82
CA GLU D 74 14.59 10.87 -29.83
C GLU D 74 13.72 9.62 -29.79
N PHE D 75 14.35 8.48 -29.51
CA PHE D 75 13.61 7.26 -29.20
C PHE D 75 12.56 7.47 -28.11
N ILE D 76 12.97 8.08 -27.01
CA ILE D 76 12.04 8.39 -25.93
C ILE D 76 10.88 9.21 -26.45
N HIS D 77 11.18 10.21 -27.26
CA HIS D 77 10.14 11.08 -27.76
C HIS D 77 9.16 10.33 -28.69
N THR D 78 9.70 9.54 -29.60
CA THR D 78 8.91 8.73 -30.52
C THR D 78 8.01 7.75 -29.76
N ALA D 79 8.62 7.08 -28.78
CA ALA D 79 7.90 6.18 -27.85
C ALA D 79 6.71 6.77 -27.08
N THR D 80 6.87 7.95 -26.53
CA THR D 80 5.72 8.61 -25.93
C THR D 80 4.66 8.99 -26.98
N LEU D 81 5.07 9.35 -28.20
CA LEU D 81 4.09 9.61 -29.25
C LEU D 81 3.27 8.35 -29.58
N LEU D 82 3.94 7.22 -29.63
CA LEU D 82 3.28 5.96 -29.87
C LEU D 82 2.29 5.58 -28.76
N HIS D 83 2.71 5.73 -27.52
CA HIS D 83 1.82 5.36 -26.42
C HIS D 83 0.67 6.33 -26.27
N ASP D 84 0.92 7.56 -26.73
CA ASP D 84 -0.10 8.59 -26.79
C ASP D 84 -1.18 8.29 -27.82
N ASP D 85 -0.83 7.47 -28.81
CA ASP D 85 -1.77 7.03 -29.83
C ASP D 85 -2.70 5.93 -29.37
N VAL D 86 -2.63 5.51 -28.12
CA VAL D 86 -3.48 4.44 -27.66
C VAL D 86 -4.88 4.98 -27.36
N VAL D 87 -5.87 4.39 -28.01
CA VAL D 87 -7.25 4.82 -27.90
C VAL D 87 -8.06 3.84 -27.03
N ASP D 88 -8.86 4.39 -26.12
CA ASP D 88 -9.72 3.61 -25.27
C ASP D 88 -10.93 3.08 -26.03
N GLU D 89 -11.51 2.00 -25.50
CA GLU D 89 -12.68 1.35 -26.09
C GLU D 89 -13.81 2.33 -26.40
N SER D 90 -14.18 3.13 -25.40
CA SER D 90 -15.27 4.09 -25.56
C SER D 90 -15.03 5.21 -26.58
N ASP D 91 -13.87 5.24 -27.23
CA ASP D 91 -13.58 6.15 -28.35
C ASP D 91 -13.47 5.45 -29.71
N MET D 92 -14.01 4.24 -29.83
CA MET D 92 -14.07 3.56 -31.13
C MET D 92 -15.55 3.41 -31.57
N ARG D 93 -15.84 2.46 -32.47
CA ARG D 93 -17.16 2.36 -33.12
C ARG D 93 -17.48 3.69 -33.83
N ASN D 100 -8.05 -2.54 -38.03
CA ASN D 100 -8.66 -2.56 -36.73
C ASN D 100 -8.04 -1.54 -35.81
N ALA D 101 -8.81 -1.15 -34.81
CA ALA D 101 -8.38 -0.20 -33.83
C ALA D 101 -7.54 -0.86 -32.79
N ALA D 102 -7.72 -2.16 -32.64
CA ALA D 102 -7.05 -3.02 -31.72
C ALA D 102 -5.68 -3.39 -32.23
N PHE D 103 -5.53 -3.45 -33.54
CA PHE D 103 -4.23 -3.75 -34.10
C PHE D 103 -3.36 -2.52 -34.00
N GLY D 104 -3.98 -1.37 -34.12
CA GLY D 104 -3.30 -0.11 -34.02
C GLY D 104 -2.90 0.12 -32.60
N ASN D 105 -3.74 -0.23 -31.67
CA ASN D 105 -3.40 -0.08 -30.29
C ASN D 105 -2.27 -1.01 -29.91
N ALA D 106 -2.33 -2.25 -30.35
CA ALA D 106 -1.33 -3.22 -30.05
C ALA D 106 -0.01 -2.91 -30.65
N ALA D 107 -0.03 -2.35 -31.83
CA ALA D 107 1.22 -1.99 -32.50
C ALA D 107 1.84 -0.75 -31.84
N SER D 108 0.98 0.13 -31.39
CA SER D 108 1.42 1.32 -30.71
C SER D 108 2.07 1.03 -29.38
N VAL D 109 1.45 0.17 -28.59
CA VAL D 109 2.00 -0.20 -27.30
C VAL D 109 3.33 -0.91 -27.49
N LEU D 110 3.35 -1.93 -28.32
CA LEU D 110 4.48 -2.85 -28.36
C LEU D 110 5.69 -2.25 -29.06
N VAL D 111 5.49 -1.56 -30.17
CA VAL D 111 6.62 -0.87 -30.81
C VAL D 111 7.11 0.26 -29.90
N GLY D 112 6.17 0.99 -29.31
CA GLY D 112 6.50 1.92 -28.24
C GLY D 112 7.31 1.29 -27.13
N ASP D 113 6.93 0.10 -26.67
CA ASP D 113 7.72 -0.59 -25.65
C ASP D 113 9.10 -1.03 -26.17
N PHE D 114 9.17 -1.49 -27.42
CA PHE D 114 10.47 -1.81 -28.04
C PHE D 114 11.41 -0.62 -28.07
N ILE D 115 10.93 0.53 -28.49
CA ILE D 115 11.77 1.73 -28.56
C ILE D 115 12.12 2.33 -27.18
N TYR D 116 11.18 2.33 -26.25
CA TYR D 116 11.47 2.73 -24.87
C TYR D 116 12.56 1.90 -24.23
N THR D 117 12.44 0.57 -24.32
CA THR D 117 13.40 -0.30 -23.67
C THR D 117 14.78 -0.29 -24.35
N ARG D 118 14.82 -0.04 -25.66
CA ARG D 118 16.10 0.03 -26.34
C ARG D 118 16.85 1.28 -25.91
N ALA D 119 16.09 2.37 -25.78
CA ALA D 119 16.60 3.65 -25.27
C ALA D 119 17.27 3.45 -23.92
N PHE D 120 16.61 2.68 -23.06
CA PHE D 120 17.16 2.33 -21.76
C PHE D 120 18.47 1.57 -21.92
N GLN D 121 18.53 0.66 -22.87
CA GLN D 121 19.81 0.01 -23.18
C GLN D 121 20.89 1.01 -23.62
N MET D 122 20.49 2.00 -24.42
CA MET D 122 21.52 2.88 -24.94
C MET D 122 22.08 3.73 -23.80
N MET D 123 21.19 4.20 -22.93
CA MET D 123 21.59 4.95 -21.72
C MET D 123 22.62 4.14 -20.92
N THR D 124 22.35 2.86 -20.71
CA THR D 124 23.15 2.10 -19.77
C THR D 124 24.49 1.75 -20.42
N SER D 125 24.56 1.75 -21.75
CA SER D 125 25.83 1.52 -22.50
C SER D 125 26.80 2.70 -22.40
N LEU D 126 26.31 3.87 -22.02
CA LEU D 126 27.20 5.01 -21.83
C LEU D 126 28.02 4.90 -20.55
N GLY D 127 27.65 3.98 -19.66
CA GLY D 127 28.52 3.65 -18.55
C GLY D 127 28.54 4.67 -17.42
N SER D 128 27.57 5.57 -17.42
CA SER D 128 27.59 6.66 -16.46
C SER D 128 26.37 6.57 -15.56
N LEU D 129 26.60 6.15 -14.32
CA LEU D 129 25.54 6.12 -13.33
C LEU D 129 24.86 7.47 -13.08
N LYS D 130 25.58 8.58 -13.20
CA LYS D 130 24.92 9.87 -12.99
C LYS D 130 23.92 10.17 -14.11
N VAL D 131 24.25 9.84 -15.36
CA VAL D 131 23.29 10.03 -16.47
C VAL D 131 22.07 9.12 -16.30
N LEU D 132 22.30 7.88 -15.87
CA LEU D 132 21.18 7.00 -15.63
C LEU D 132 20.22 7.54 -14.56
N GLU D 133 20.76 8.18 -13.54
CA GLU D 133 19.92 8.71 -12.49
C GLU D 133 19.06 9.86 -13.03
N VAL D 134 19.68 10.77 -13.78
CA VAL D 134 18.99 11.92 -14.38
C VAL D 134 18.01 11.50 -15.47
N MET D 135 18.46 10.57 -16.31
CA MET D 135 17.69 10.13 -17.45
C MET D 135 16.49 9.33 -16.99
N SER D 136 16.69 8.45 -16.00
CA SER D 136 15.58 7.59 -15.48
C SER D 136 14.53 8.36 -14.72
N GLU D 137 14.91 9.46 -14.08
CA GLU D 137 13.93 10.31 -13.40
C GLU D 137 13.13 11.08 -14.44
N ALA D 138 13.80 11.52 -15.50
CA ALA D 138 13.14 12.23 -16.60
C ALA D 138 12.07 11.39 -17.27
N VAL D 139 12.34 10.11 -17.52
CA VAL D 139 11.35 9.28 -18.20
C VAL D 139 10.21 8.98 -17.23
N ASN D 140 10.51 8.93 -15.96
CA ASN D 140 9.48 8.70 -14.97
C ASN D 140 8.58 9.90 -14.92
N VAL D 141 9.18 11.07 -14.92
CA VAL D 141 8.42 12.33 -14.85
C VAL D 141 7.58 12.52 -16.08
N ILE D 142 8.10 12.09 -17.23
CA ILE D 142 7.34 12.15 -18.47
C ILE D 142 6.11 11.25 -18.36
N ALA D 143 6.29 10.02 -17.88
CA ALA D 143 5.17 9.12 -17.72
C ALA D 143 4.08 9.67 -16.79
N GLU D 144 4.51 10.22 -15.66
CA GLU D 144 3.60 10.85 -14.69
C GLU D 144 2.90 12.02 -15.36
N GLY D 145 3.63 12.75 -16.18
CA GLY D 145 3.01 13.81 -16.97
C GLY D 145 1.93 13.33 -17.89
N GLU D 146 2.19 12.24 -18.60
CA GLU D 146 1.24 11.68 -19.54
C GLU D 146 -0.03 11.23 -18.82
N VAL D 147 0.12 10.66 -17.62
CA VAL D 147 -1.04 10.18 -16.87
C VAL D 147 -1.86 11.34 -16.30
N LEU D 148 -1.18 12.42 -15.93
CA LEU D 148 -1.84 13.61 -15.42
C LEU D 148 -2.66 14.21 -16.53
N GLN D 149 -2.05 14.33 -17.70
CA GLN D 149 -2.78 14.79 -18.89
C GLN D 149 -4.04 13.94 -19.16
N LEU D 150 -3.92 12.63 -19.05
CA LEU D 150 -5.05 11.73 -19.21
C LEU D 150 -6.13 11.95 -18.16
N MET D 151 -5.73 12.23 -16.92
CA MET D 151 -6.70 12.60 -15.89
C MET D 151 -7.43 13.90 -16.26
N ASN D 152 -6.70 14.81 -16.88
CA ASN D 152 -7.22 16.13 -17.18
C ASN D 152 -8.23 16.20 -18.33
N VAL D 153 -8.30 15.21 -19.20
CA VAL D 153 -9.17 15.36 -20.37
C VAL D 153 -10.65 15.43 -19.91
N ASN D 154 -11.42 16.29 -20.55
CA ASN D 154 -12.84 16.58 -20.21
C ASN D 154 -13.01 17.34 -18.89
N ASP D 155 -11.93 17.87 -18.32
CA ASP D 155 -12.00 18.61 -17.07
C ASP D 155 -11.59 20.07 -17.28
N PRO D 156 -12.58 20.97 -17.38
CA PRO D 156 -12.28 22.37 -17.71
C PRO D 156 -11.75 23.14 -16.51
N ASP D 157 -11.94 22.63 -15.30
CA ASP D 157 -11.56 23.39 -14.10
C ASP D 157 -10.16 23.03 -13.59
N ILE D 158 -9.21 22.69 -14.45
CA ILE D 158 -7.86 22.47 -13.95
C ILE D 158 -7.20 23.82 -13.74
N THR D 159 -6.18 23.85 -12.91
CA THR D 159 -5.44 25.08 -12.58
C THR D 159 -4.39 25.40 -13.64
N GLU D 160 -3.92 26.64 -13.64
CA GLU D 160 -2.74 27.02 -14.43
C GLU D 160 -1.51 26.18 -13.96
N GLU D 161 -1.44 25.94 -12.66
CA GLU D 161 -0.36 25.18 -12.09
C GLU D 161 -0.43 23.71 -12.52
N ASN D 162 -1.65 23.18 -12.70
CA ASN D 162 -1.79 21.80 -13.19
C ASN D 162 -1.26 21.75 -14.63
N TYR D 163 -1.78 22.66 -15.47
CA TYR D 163 -1.41 22.68 -16.86
C TYR D 163 0.10 22.94 -17.07
N MET D 164 0.69 23.79 -16.24
CA MET D 164 2.12 24.07 -16.33
C MET D 164 2.93 22.85 -15.88
N ARG D 165 2.42 22.08 -14.93
CA ARG D 165 3.05 20.82 -14.51
C ARG D 165 3.02 19.80 -15.64
N VAL D 166 1.89 19.70 -16.31
CA VAL D 166 1.75 18.82 -17.45
C VAL D 166 2.82 19.13 -18.53
N ILE D 167 2.91 20.37 -18.97
CA ILE D 167 3.76 20.67 -20.11
C ILE D 167 5.22 20.53 -19.75
N TYR D 168 5.57 20.89 -18.53
CA TYR D 168 6.91 20.66 -18.04
C TYR D 168 7.30 19.17 -17.98
N SER D 169 6.40 18.37 -17.43
CA SER D 169 6.65 16.96 -17.21
C SER D 169 6.70 16.17 -18.50
N LYS D 170 5.76 16.43 -19.40
CA LYS D 170 5.60 15.62 -20.62
C LYS D 170 6.41 16.15 -21.80
N THR D 171 6.87 17.38 -21.71
CA THR D 171 7.72 17.92 -22.76
C THR D 171 9.03 18.47 -22.26
N ALA D 172 8.98 19.50 -21.43
CA ALA D 172 10.21 20.20 -21.09
C ALA D 172 11.23 19.27 -20.46
N ARG D 173 10.80 18.36 -19.61
CA ARG D 173 11.74 17.54 -18.86
C ARG D 173 12.69 16.76 -19.73
N LEU D 174 12.24 16.39 -20.92
CA LEU D 174 13.11 15.68 -21.83
C LEU D 174 14.19 16.59 -22.42
N PHE D 175 13.89 17.83 -22.71
CA PHE D 175 14.90 18.77 -23.22
C PHE D 175 15.90 19.08 -22.14
N GLU D 176 15.38 19.23 -20.92
CA GLU D 176 16.21 19.49 -19.76
C GLU D 176 17.23 18.38 -19.60
N ALA D 177 16.75 17.15 -19.67
CA ALA D 177 17.61 15.97 -19.51
C ALA D 177 18.59 15.80 -20.65
N ALA D 178 18.14 16.10 -21.86
CA ALA D 178 18.98 15.93 -23.04
C ALA D 178 20.18 16.87 -22.94
N ALA D 179 19.93 18.13 -22.63
CA ALA D 179 20.96 19.13 -22.41
C ALA D 179 21.85 18.84 -21.22
N GLN D 180 21.26 18.61 -20.05
CA GLN D 180 22.01 18.26 -18.83
C GLN D 180 22.91 17.02 -19.02
N CYS D 181 22.40 15.96 -19.63
CA CYS D 181 23.15 14.71 -19.67
C CYS D 181 24.35 14.82 -20.62
N SER D 182 24.15 15.53 -21.73
CA SER D 182 25.24 15.88 -22.62
C SER D 182 26.35 16.59 -21.88
N GLY D 183 25.99 17.63 -21.15
CA GLY D 183 26.93 18.29 -20.24
C GLY D 183 27.63 17.31 -19.32
N ILE D 184 26.88 16.39 -18.70
CA ILE D 184 27.47 15.50 -17.71
C ILE D 184 28.53 14.61 -18.35
N LEU D 185 28.18 14.02 -19.49
CA LEU D 185 29.09 13.15 -20.25
C LEU D 185 30.35 13.84 -20.70
N ALA D 186 30.25 15.14 -20.96
CA ALA D 186 31.38 15.98 -21.36
C ALA D 186 32.18 16.51 -20.19
N GLY D 187 31.91 15.98 -19.00
CA GLY D 187 32.63 16.34 -17.79
C GLY D 187 32.57 17.82 -17.50
N CYS D 188 31.43 18.45 -17.74
CA CYS D 188 31.30 19.88 -17.57
C CYS D 188 31.22 20.28 -16.10
N THR D 189 31.43 21.58 -15.91
CA THR D 189 31.29 22.28 -14.64
C THR D 189 29.88 22.13 -14.09
N PRO D 190 29.76 22.00 -12.76
CA PRO D 190 28.45 22.09 -12.10
C PRO D 190 27.60 23.32 -12.51
N GLU D 191 28.20 24.50 -12.64
CA GLU D 191 27.51 25.69 -13.15
C GLU D 191 27.00 25.54 -14.58
N GLU D 192 27.86 24.97 -15.42
CA GLU D 192 27.56 24.71 -16.81
C GLU D 192 26.46 23.67 -16.89
N GLU D 193 26.47 22.68 -16.01
CA GLU D 193 25.42 21.67 -16.02
C GLU D 193 24.09 22.30 -15.67
N LYS D 194 24.09 23.20 -14.69
CA LYS D 194 22.90 23.91 -14.27
C LYS D 194 22.35 24.82 -15.38
N GLY D 195 23.23 25.52 -16.07
CA GLY D 195 22.81 26.35 -17.19
C GLY D 195 22.16 25.53 -18.28
N LEU D 196 22.74 24.36 -18.57
CA LEU D 196 22.24 23.51 -19.63
C LEU D 196 20.86 22.96 -19.21
N GLN D 197 20.80 22.46 -17.99
CA GLN D 197 19.55 21.94 -17.44
C GLN D 197 18.45 23.01 -17.50
N ASP D 198 18.79 24.24 -17.13
CA ASP D 198 17.80 25.32 -17.12
C ASP D 198 17.38 25.64 -18.55
N TYR D 199 18.36 25.76 -19.43
CA TYR D 199 18.08 26.05 -20.83
C TYR D 199 17.07 25.05 -21.41
N GLY D 200 17.29 23.77 -21.13
CA GLY D 200 16.42 22.73 -21.66
C GLY D 200 15.03 22.82 -21.05
N ARG D 201 14.97 23.05 -19.74
CA ARG D 201 13.69 23.19 -19.09
C ARG D 201 12.92 24.35 -19.72
N TYR D 202 13.60 25.48 -19.85
CA TYR D 202 12.94 26.69 -20.32
C TYR D 202 12.58 26.61 -21.80
N LEU D 203 13.50 26.16 -22.64
CA LEU D 203 13.19 26.04 -24.06
C LEU D 203 12.09 25.01 -24.26
N GLY D 204 12.10 23.97 -23.44
CA GLY D 204 11.13 22.89 -23.58
C GLY D 204 9.73 23.38 -23.26
N THR D 205 9.66 24.21 -22.23
CA THR D 205 8.42 24.83 -21.81
C THR D 205 7.95 25.76 -22.90
N ALA D 206 8.85 26.57 -23.45
CA ALA D 206 8.53 27.48 -24.55
C ALA D 206 7.94 26.68 -25.68
N PHE D 207 8.66 25.61 -26.02
CA PHE D 207 8.33 24.77 -27.15
C PHE D 207 6.91 24.23 -27.05
N GLN D 208 6.51 23.74 -25.86
CA GLN D 208 5.16 23.18 -25.70
C GLN D 208 4.05 24.25 -25.74
N LEU D 209 4.34 25.46 -25.31
CA LEU D 209 3.32 26.53 -25.34
C LEU D 209 3.05 26.95 -26.76
N ILE D 210 4.07 26.91 -27.58
CA ILE D 210 3.91 27.24 -28.99
C ILE D 210 3.08 26.18 -29.69
N ASP D 211 3.37 24.92 -29.38
CA ASP D 211 2.66 23.80 -29.98
C ASP D 211 1.19 23.90 -29.68
N ASP D 212 0.88 24.20 -28.44
CA ASP D 212 -0.51 24.34 -27.99
C ASP D 212 -1.32 25.43 -28.65
N LEU D 213 -0.69 26.56 -28.91
CA LEU D 213 -1.40 27.66 -29.54
C LEU D 213 -1.47 27.46 -31.04
N LEU D 214 -0.44 26.81 -31.61
CA LEU D 214 -0.43 26.49 -33.05
C LEU D 214 -1.50 25.45 -33.36
N ASP D 215 -1.87 24.71 -32.33
CA ASP D 215 -2.95 23.76 -32.42
C ASP D 215 -4.28 24.42 -32.74
N TYR D 216 -4.46 25.65 -32.31
CA TYR D 216 -5.58 26.45 -32.75
C TYR D 216 -5.23 27.27 -34.00
N ASN D 217 -3.96 27.67 -34.11
CA ASN D 217 -3.47 28.59 -35.15
C ASN D 217 -4.28 29.87 -35.17
N ASN D 226 -3.13 19.92 -38.60
CA ASN D 226 -4.10 19.12 -37.85
C ASN D 226 -4.79 20.00 -36.77
N VAL D 227 -5.38 21.10 -37.23
CA VAL D 227 -5.82 22.20 -36.36
C VAL D 227 -7.18 21.92 -35.70
N GLY D 228 -7.24 22.13 -34.39
CA GLY D 228 -8.44 21.87 -33.59
C GLY D 228 -8.47 20.52 -32.93
N ASP D 229 -7.38 19.75 -33.06
CA ASP D 229 -7.25 18.42 -32.42
C ASP D 229 -7.48 18.45 -30.90
N ASP D 230 -6.81 19.38 -30.21
CA ASP D 230 -6.86 19.48 -28.76
C ASP D 230 -8.25 19.86 -28.31
N LEU D 231 -8.89 20.72 -29.10
CA LEU D 231 -10.24 21.12 -28.82
C LEU D 231 -11.16 19.89 -28.91
N ASN D 232 -11.06 19.20 -30.04
CA ASN D 232 -11.92 18.09 -30.38
C ASN D 232 -11.72 16.89 -29.50
N GLU D 233 -10.51 16.67 -29.04
CA GLU D 233 -10.28 15.59 -28.11
C GLU D 233 -10.57 16.04 -26.66
N GLY D 234 -11.04 17.28 -26.47
CA GLY D 234 -11.44 17.77 -25.16
C GLY D 234 -10.27 18.13 -24.25
N LYS D 235 -9.10 18.38 -24.81
CA LYS D 235 -7.90 18.53 -24.00
C LYS D 235 -7.70 20.01 -23.59
N PRO D 236 -7.76 20.29 -22.28
CA PRO D 236 -7.64 21.67 -21.84
C PRO D 236 -6.21 22.18 -21.91
N THR D 237 -5.89 23.01 -22.90
CA THR D 237 -4.59 23.64 -22.95
C THR D 237 -4.67 25.09 -22.45
N LEU D 238 -3.51 25.72 -22.31
CA LEU D 238 -3.42 27.06 -21.72
C LEU D 238 -4.28 28.06 -22.46
N PRO D 239 -4.16 28.14 -23.79
CA PRO D 239 -4.89 29.19 -24.49
C PRO D 239 -6.40 28.96 -24.46
N LEU D 240 -6.86 27.73 -24.33
CA LEU D 240 -8.29 27.45 -24.30
C LEU D 240 -8.85 27.83 -22.96
N LEU D 241 -8.13 27.49 -21.90
CA LEU D 241 -8.55 27.81 -20.53
C LEU D 241 -8.50 29.30 -20.24
N HIS D 242 -7.65 30.01 -20.96
CA HIS D 242 -7.56 31.43 -20.81
C HIS D 242 -8.84 32.10 -21.29
N ALA D 243 -9.38 31.67 -22.44
CA ALA D 243 -10.62 32.26 -22.94
C ALA D 243 -11.86 31.83 -22.14
N MET D 244 -11.83 30.64 -21.57
CA MET D 244 -12.96 30.18 -20.80
C MET D 244 -13.09 31.08 -19.57
N HIS D 245 -11.95 31.36 -18.93
CA HIS D 245 -11.94 32.11 -17.67
C HIS D 245 -12.16 33.58 -17.88
N HIS D 246 -11.84 34.07 -19.09
CA HIS D 246 -11.86 35.51 -19.39
C HIS D 246 -12.88 35.93 -20.41
N GLY D 247 -13.70 35.00 -20.89
CA GLY D 247 -14.60 35.33 -21.97
C GLY D 247 -15.95 35.63 -21.39
N THR D 248 -16.92 35.84 -22.27
CA THR D 248 -18.28 36.20 -21.90
C THR D 248 -18.93 34.96 -21.33
N PRO D 249 -20.00 35.13 -20.52
CA PRO D 249 -20.65 33.92 -19.97
C PRO D 249 -20.98 32.91 -21.07
N GLU D 250 -21.41 33.44 -22.21
CA GLU D 250 -21.72 32.68 -23.43
C GLU D 250 -20.50 31.82 -23.79
N GLN D 251 -19.40 32.51 -24.09
CA GLN D 251 -18.13 31.87 -24.45
C GLN D 251 -17.65 30.88 -23.38
N ALA D 252 -17.70 31.29 -22.12
CA ALA D 252 -17.29 30.44 -21.02
C ALA D 252 -18.02 29.09 -21.05
N GLN D 253 -19.34 29.13 -21.24
CA GLN D 253 -20.15 27.91 -21.35
C GLN D 253 -19.88 27.12 -22.64
N MET D 254 -19.62 27.81 -23.73
CA MET D 254 -19.28 27.12 -24.96
C MET D 254 -17.99 26.33 -24.80
N ILE D 255 -17.00 26.89 -24.09
CA ILE D 255 -15.73 26.20 -23.93
C ILE D 255 -15.91 25.08 -22.92
N ARG D 256 -16.66 25.35 -21.88
CA ARG D 256 -16.91 24.34 -20.86
C ARG D 256 -17.50 23.08 -21.45
N THR D 257 -18.56 23.22 -22.24
CA THR D 257 -19.20 22.03 -22.75
C THR D 257 -18.34 21.41 -23.87
N ALA D 258 -17.55 22.20 -24.59
CA ALA D 258 -16.62 21.63 -25.58
C ALA D 258 -15.57 20.69 -24.94
N ILE D 259 -15.03 21.06 -23.78
CA ILE D 259 -13.99 20.25 -23.22
C ILE D 259 -14.60 19.08 -22.46
N GLU D 260 -15.73 19.33 -21.79
CA GLU D 260 -16.43 18.31 -21.00
C GLU D 260 -16.95 17.19 -21.89
N GLN D 261 -17.48 17.60 -23.04
CA GLN D 261 -18.24 16.76 -23.96
C GLN D 261 -17.34 16.16 -25.04
N GLY D 262 -16.35 16.92 -25.51
CA GLY D 262 -15.54 16.52 -26.65
C GLY D 262 -16.26 16.63 -27.99
N ASN D 263 -15.57 16.18 -29.03
CA ASN D 263 -16.05 16.20 -30.41
C ASN D 263 -16.59 17.53 -30.90
N GLY D 264 -16.01 18.63 -30.39
CA GLY D 264 -16.35 19.97 -30.79
C GLY D 264 -15.34 20.65 -31.69
N ARG D 265 -14.74 19.95 -32.64
CA ARG D 265 -13.85 20.56 -33.64
C ARG D 265 -14.55 21.62 -34.52
N HIS D 266 -15.85 21.45 -34.67
CA HIS D 266 -16.64 22.33 -35.54
C HIS D 266 -16.86 23.65 -34.81
N LEU D 267 -16.58 23.62 -33.52
CA LEU D 267 -16.73 24.76 -32.64
C LEU D 267 -15.48 25.65 -32.64
N LEU D 268 -14.64 25.55 -33.69
CA LEU D 268 -13.32 26.19 -33.72
C LEU D 268 -13.41 27.68 -33.92
N GLU D 269 -14.19 28.10 -34.92
CA GLU D 269 -14.33 29.53 -35.24
C GLU D 269 -14.92 30.31 -34.06
N PRO D 270 -16.03 29.82 -33.49
CA PRO D 270 -16.59 30.49 -32.30
C PRO D 270 -15.62 30.53 -31.11
N VAL D 271 -14.72 29.54 -31.03
CA VAL D 271 -13.67 29.48 -30.00
C VAL D 271 -12.52 30.44 -30.34
N LEU D 272 -12.20 30.54 -31.63
CA LEU D 272 -11.12 31.40 -32.08
C LEU D 272 -11.50 32.87 -31.94
N GLU D 273 -12.80 33.15 -32.06
CA GLU D 273 -13.29 34.51 -31.83
C GLU D 273 -13.17 34.83 -30.37
N ALA D 274 -13.43 33.85 -29.53
CA ALA D 274 -13.35 34.03 -28.08
C ALA D 274 -11.91 34.19 -27.61
N MET D 275 -11.00 33.53 -28.30
CA MET D 275 -9.58 33.64 -27.98
C MET D 275 -9.06 35.03 -28.31
N ASN D 276 -9.35 35.49 -29.52
CA ASN D 276 -8.88 36.79 -29.98
C ASN D 276 -9.48 37.96 -29.15
N ALA D 277 -10.69 37.82 -28.64
CA ALA D 277 -11.29 38.87 -27.80
C ALA D 277 -10.63 38.98 -26.42
N CYS D 278 -10.28 37.81 -25.87
CA CYS D 278 -9.47 37.72 -24.67
C CYS D 278 -7.94 37.90 -24.91
N GLY D 279 -7.47 37.79 -26.15
CA GLY D 279 -6.01 37.81 -26.43
C GLY D 279 -5.31 36.46 -26.15
N SER D 280 -6.11 35.44 -25.89
CA SER D 280 -5.66 34.14 -25.45
C SER D 280 -4.48 33.56 -26.24
N LEU D 281 -4.46 33.75 -27.55
CA LEU D 281 -3.35 33.16 -28.32
C LEU D 281 -2.08 33.97 -28.18
N GLU D 282 -2.17 35.31 -28.18
CA GLU D 282 -1.01 36.18 -28.03
C GLU D 282 -0.46 36.19 -26.60
N TRP D 283 -1.35 36.08 -25.63
CA TRP D 283 -0.95 35.96 -24.23
C TRP D 283 0.00 34.78 -24.04
N THR D 284 -0.37 33.63 -24.62
CA THR D 284 0.38 32.40 -24.52
C THR D 284 1.71 32.48 -25.26
N ARG D 285 1.67 33.12 -26.43
CA ARG D 285 2.88 33.33 -27.21
C ARG D 285 3.89 34.19 -26.45
N GLN D 286 3.40 35.19 -25.75
CA GLN D 286 4.27 36.01 -24.92
C GLN D 286 4.83 35.17 -23.78
N ARG D 287 4.00 34.31 -23.18
CA ARG D 287 4.49 33.35 -22.21
C ARG D 287 5.67 32.54 -22.78
N ALA D 288 5.52 32.03 -24.00
CA ALA D 288 6.57 31.23 -24.63
C ALA D 288 7.82 32.06 -24.83
N GLU D 289 7.65 33.32 -25.20
CA GLU D 289 8.77 34.23 -25.42
C GLU D 289 9.57 34.49 -24.17
N GLU D 290 8.91 34.64 -23.04
CA GLU D 290 9.65 34.92 -21.82
C GLU D 290 10.28 33.66 -21.21
N GLU D 291 9.74 32.49 -21.55
CA GLU D 291 10.39 31.20 -21.27
C GLU D 291 11.64 31.05 -22.12
N ALA D 292 11.51 31.36 -23.42
CA ALA D 292 12.66 31.36 -24.31
C ALA D 292 13.76 32.31 -23.89
N ASP D 293 13.43 33.44 -23.30
CA ASP D 293 14.48 34.36 -22.83
C ASP D 293 15.20 33.81 -21.62
N LYS D 294 14.47 33.10 -20.78
CA LYS D 294 15.07 32.45 -19.62
C LYS D 294 16.09 31.38 -20.03
N ALA D 295 15.78 30.68 -21.12
CA ALA D 295 16.68 29.65 -21.65
C ALA D 295 17.96 30.29 -22.17
N ILE D 296 17.82 31.41 -22.88
CA ILE D 296 18.99 32.02 -23.47
C ILE D 296 19.84 32.69 -22.38
N ALA D 297 19.21 33.16 -21.30
CA ALA D 297 19.94 33.73 -20.16
C ALA D 297 20.75 32.71 -19.38
N ALA D 298 20.22 31.50 -19.36
CA ALA D 298 20.83 30.45 -18.59
C ALA D 298 22.10 29.93 -19.26
N LEU D 299 22.20 30.10 -20.56
CA LEU D 299 23.38 29.73 -21.29
C LEU D 299 24.56 30.74 -21.17
N GLN D 300 24.40 31.89 -20.51
CA GLN D 300 25.48 32.90 -20.54
C GLN D 300 26.66 32.47 -19.68
N VAL D 301 26.40 31.44 -18.89
CA VAL D 301 27.39 30.74 -18.11
C VAL D 301 28.36 29.86 -18.96
N LEU D 302 27.99 29.52 -20.20
CA LEU D 302 28.84 28.69 -21.07
C LEU D 302 29.79 29.59 -21.86
N PRO D 303 30.91 29.03 -22.39
CA PRO D 303 31.86 29.78 -23.20
C PRO D 303 31.20 30.31 -24.44
N ASP D 304 31.67 31.43 -24.95
CA ASP D 304 31.11 31.98 -26.18
C ASP D 304 31.69 31.17 -27.33
N THR D 305 30.85 30.39 -27.99
CA THR D 305 31.24 29.60 -29.19
C THR D 305 30.12 29.57 -30.22
N PRO D 306 30.41 29.14 -31.44
CA PRO D 306 29.37 28.86 -32.41
C PRO D 306 28.33 27.86 -31.90
N TRP D 307 28.78 26.86 -31.18
CA TRP D 307 27.83 25.91 -30.58
C TRP D 307 26.80 26.60 -29.66
N ARG D 308 27.26 27.57 -28.88
CA ARG D 308 26.37 28.26 -27.98
C ARG D 308 25.52 29.27 -28.74
N GLU D 309 26.07 29.83 -29.81
CA GLU D 309 25.34 30.74 -30.70
C GLU D 309 24.17 29.97 -31.34
N ALA D 310 24.40 28.70 -31.64
CA ALA D 310 23.38 27.83 -32.25
C ALA D 310 22.28 27.44 -31.24
N LEU D 311 22.67 27.12 -30.01
CA LEU D 311 21.71 26.87 -28.94
C LEU D 311 20.81 28.07 -28.63
N ILE D 312 21.35 29.28 -28.72
CA ILE D 312 20.56 30.48 -28.55
C ILE D 312 19.59 30.65 -29.71
N GLY D 313 20.07 30.38 -30.92
CA GLY D 313 19.26 30.53 -32.11
C GLY D 313 18.08 29.59 -32.19
N LEU D 314 18.24 28.38 -31.66
CA LEU D 314 17.13 27.43 -31.56
C LEU D 314 16.07 27.86 -30.57
N ALA D 315 16.47 28.60 -29.55
CA ALA D 315 15.50 29.17 -28.64
C ALA D 315 14.69 30.24 -29.33
N HIS D 316 15.33 31.08 -30.14
CA HIS D 316 14.61 32.12 -30.90
C HIS D 316 13.66 31.49 -31.92
N ILE D 317 14.14 30.46 -32.61
CA ILE D 317 13.34 29.78 -33.62
C ILE D 317 12.14 29.07 -33.00
N ALA D 318 12.32 28.48 -31.82
CA ALA D 318 11.24 27.69 -31.21
C ALA D 318 10.04 28.54 -30.87
N VAL D 319 10.27 29.81 -30.58
CA VAL D 319 9.21 30.79 -30.38
C VAL D 319 9.07 31.69 -31.63
N GLN D 320 9.52 31.17 -32.77
CA GLN D 320 9.24 31.68 -34.11
C GLN D 320 9.67 33.13 -34.35
N ARG D 321 10.76 33.53 -33.71
CA ARG D 321 11.34 34.89 -33.87
C ARG D 321 12.27 34.95 -35.08
CAA HJX E . -7.02 -2.99 21.26
OAB HJX E . -15.06 12.00 16.77
OAC HJX E . -15.47 11.64 14.72
OAD HJX E . -13.36 12.07 13.04
CAE HJX E . -10.35 11.08 14.85
CAF HJX E . -11.21 11.50 13.85
CAG HJX E . -10.84 10.85 16.12
CAH HJX E . -7.17 -1.51 21.63
CAI HJX E . -7.98 -0.73 20.59
CAJ HJX E . -8.25 0.67 21.11
CAK HJX E . -8.63 1.67 20.03
CAL HJX E . -8.13 3.04 20.46
CAM HJX E . -9.08 4.16 20.09
CAN HJX E . -10.09 4.57 21.16
CAO HJX E . -11.54 4.27 20.75
CAP HJX E . -12.43 5.49 20.60
CAQ HJX E . -12.52 6.03 19.17
CAR HJX E . -13.04 7.47 19.17
CAS HJX E . -12.60 8.39 18.03
CAT HJX E . -12.10 9.76 18.52
OAU HJX E . -12.66 10.78 17.72
CAV HJX E . -14.61 11.70 15.63
CAW HJX E . -12.56 11.67 14.11
CAX HJX E . -12.20 11.02 16.40
CAY HJX E . -13.10 11.45 15.39
CAA HJX F . 8.06 3.09 -20.73
OAB HJX F . 2.85 -13.88 -22.04
OAC HJX F . 0.70 -13.57 -21.55
OAD HJX F . 0.43 -13.20 -19.05
CAE HJX F . 3.06 -10.82 -18.05
CAF HJX F . 1.93 -11.64 -18.01
CAG HJX F . 3.85 -10.80 -19.18
CAH HJX F . 8.66 1.69 -20.77
CAI HJX F . 7.64 0.62 -21.06
CAJ HJX F . 8.29 -0.76 -20.93
CAK HJX F . 7.28 -1.84 -20.58
CAL HJX F . 8.02 -3.16 -20.41
CAM HJX F . 7.14 -4.37 -20.75
CAN HJX F . 7.43 -5.11 -22.05
CAO HJX F . 6.31 -4.93 -23.07
CAP HJX F . 5.84 -6.21 -23.74
CAQ HJX F . 4.68 -6.86 -22.99
CAR HJX F . 4.72 -8.38 -23.13
CAS HJX F . 4.13 -9.20 -21.99
CAT HJX F . 5.03 -10.41 -21.73
OAU HJX F . 4.26 -11.56 -21.44
CAV HJX F . 1.94 -13.31 -21.37
CAW HJX F . 1.57 -12.40 -19.11
CAX HJX F . 3.49 -11.57 -20.28
CAY HJX F . 2.35 -12.38 -20.24
MG MG G . 0.20 -11.47 -25.15
MG MG H . -2.75 -12.12 -22.11
#